data_3Q1O
#
_entry.id   3Q1O
#
_cell.length_a   191.870
_cell.length_b   191.870
_cell.length_c   127.053
_cell.angle_alpha   90.00
_cell.angle_beta   90.00
_cell.angle_gamma   90.00
#
_symmetry.space_group_name_H-M   'P 43 21 2'
#
loop_
_entity.id
_entity.type
_entity.pdbx_description
1 polymer 'Geranyltranstransferase (IspA)'
2 non-polymer 'MAGNESIUM ION'
3 non-polymer 'DIMETHYLALLYL DIPHOSPHATE'
4 non-polymer 'SULFATE ION'
5 water water
#
_entity_poly.entity_id   1
_entity_poly.type   'polypeptide(L)'
_entity_poly.pdbx_seq_one_letter_code
;MAHHHHHHSLSSPNLSFYYNECERFESFLKNHHLHLESFHPYLEKAFFEMVLNGGKRFRPKLFLAVLCALVGQKDYSNQQ
TEYFKIALSIECLHTYSLIHDDLPCMDNAALRRNHPTLHAKYDETTAVLIGDALNTYSFELLSNALLESHIIVELIKILS
ANGGIKGMILGQALDCYFENTPLNLEQLTFLHEHKTAKLISASLIMGLVASGIKDEELFKWLQAFGLKMGLCFQVLDDII
DVTQDEEESGKTTHLDSAKNSFVNLLGLERANNYAQTLKTEVLNDLDALKPAYPLLQENLNALLNTLFKG
;
_entity_poly.pdbx_strand_id   A,B,C,D
#
loop_
_chem_comp.id
_chem_comp.type
_chem_comp.name
_chem_comp.formula
DMA non-polymer 'DIMETHYLALLYL DIPHOSPHATE' 'C5 H12 O7 P2'
MG non-polymer 'MAGNESIUM ION' 'Mg 2'
SO4 non-polymer 'SULFATE ION' 'O4 S -2'
#
# COMPACT_ATOMS: atom_id res chain seq x y z
N HIS A 8 -33.33 -1.83 11.87
CA HIS A 8 -32.10 -2.56 11.40
C HIS A 8 -31.02 -2.67 12.48
N SER A 9 -30.13 -3.64 12.30
CA SER A 9 -28.99 -3.87 13.20
C SER A 9 -27.77 -3.06 12.78
N LEU A 10 -26.59 -3.46 13.26
CA LEU A 10 -25.33 -2.77 12.94
C LEU A 10 -24.83 -3.14 11.55
N SER A 11 -24.94 -2.20 10.62
CA SER A 11 -24.59 -2.43 9.23
C SER A 11 -23.47 -1.50 8.79
N SER A 12 -22.68 -1.95 7.82
CA SER A 12 -21.69 -1.11 7.15
C SER A 12 -22.36 0.02 6.39
N PRO A 13 -21.63 1.13 6.16
CA PRO A 13 -22.10 2.19 5.26
C PRO A 13 -22.67 1.70 3.93
N ASN A 14 -21.98 0.77 3.27
CA ASN A 14 -22.43 0.18 2.00
C ASN A 14 -23.80 -0.50 2.11
N LEU A 15 -23.95 -1.37 3.11
CA LEU A 15 -25.20 -2.08 3.33
C LEU A 15 -26.31 -1.12 3.76
N SER A 16 -25.95 -0.11 4.53
CA SER A 16 -26.89 0.90 5.00
C SER A 16 -27.41 1.74 3.84
N PHE A 17 -26.52 2.05 2.89
CA PHE A 17 -26.84 2.77 1.68
C PHE A 17 -27.85 1.99 0.83
N TYR A 18 -27.56 0.71 0.63
CA TYR A 18 -28.43 -0.20 -0.08
C TYR A 18 -29.84 -0.29 0.53
N TYR A 19 -29.93 -0.42 1.86
CA TYR A 19 -31.22 -0.46 2.54
C TYR A 19 -32.02 0.81 2.30
N ASN A 20 -31.33 1.95 2.38
CA ASN A 20 -31.94 3.25 2.16
C ASN A 20 -32.48 3.44 0.74
N GLU A 21 -31.71 2.98 -0.24
CA GLU A 21 -32.14 3.02 -1.64
C GLU A 21 -33.39 2.19 -1.93
N CYS A 22 -33.49 1.02 -1.28
CA CYS A 22 -34.68 0.18 -1.38
C CYS A 22 -35.93 0.87 -0.83
N GLU A 23 -35.75 1.63 0.26
CA GLU A 23 -36.82 2.44 0.83
C GLU A 23 -37.20 3.60 -0.09
N ARG A 24 -36.18 4.24 -0.65
CA ARG A 24 -36.36 5.36 -1.57
C ARG A 24 -37.06 4.93 -2.86
N PHE A 25 -36.73 3.73 -3.36
CA PHE A 25 -37.41 3.17 -4.52
C PHE A 25 -38.89 2.94 -4.24
N GLU A 26 -39.20 2.47 -3.03
CA GLU A 26 -40.60 2.27 -2.63
C GLU A 26 -41.39 3.58 -2.61
N SER A 27 -40.73 4.68 -2.20
CA SER A 27 -41.31 6.02 -2.28
C SER A 27 -41.52 6.46 -3.73
N PHE A 28 -40.50 6.22 -4.56
CA PHE A 28 -40.58 6.48 -5.99
C PHE A 28 -41.78 5.77 -6.63
N LEU A 29 -41.95 4.49 -6.29
CA LEU A 29 -43.06 3.69 -6.80
C LEU A 29 -44.39 4.25 -6.32
N LYS A 30 -44.45 4.62 -5.04
CA LYS A 30 -45.69 5.10 -4.42
C LYS A 30 -46.12 6.45 -5.00
N ASN A 31 -45.14 7.27 -5.38
CA ASN A 31 -45.39 8.58 -5.97
C ASN A 31 -45.37 8.58 -7.49
N HIS A 32 -45.44 7.39 -8.09
CA HIS A 32 -45.48 7.30 -9.54
C HIS A 32 -46.92 7.43 -10.02
N HIS A 33 -47.18 8.52 -10.75
CA HIS A 33 -48.51 8.82 -11.23
C HIS A 33 -48.52 8.79 -12.74
N LEU A 34 -49.47 8.07 -13.32
CA LEU A 34 -49.72 8.17 -14.75
C LEU A 34 -51.05 8.87 -14.94
N HIS A 35 -51.02 9.96 -15.71
CA HIS A 35 -52.24 10.73 -15.93
C HIS A 35 -52.93 10.31 -17.21
N LEU A 36 -54.14 9.79 -17.06
CA LEU A 36 -54.98 9.39 -18.16
C LEU A 36 -56.21 10.29 -18.24
N GLU A 37 -56.36 10.98 -19.37
CA GLU A 37 -57.55 11.76 -19.62
C GLU A 37 -58.45 10.95 -20.52
N SER A 38 -59.60 10.54 -19.98
CA SER A 38 -60.63 9.84 -20.75
C SER A 38 -61.93 9.84 -19.97
N PHE A 39 -62.98 9.34 -20.61
CA PHE A 39 -64.28 9.19 -19.95
C PHE A 39 -64.48 7.79 -19.34
N HIS A 40 -63.39 7.05 -19.13
CA HIS A 40 -63.44 5.80 -18.36
C HIS A 40 -63.42 6.14 -16.86
N PRO A 41 -64.37 5.59 -16.08
CA PRO A 41 -64.50 5.95 -14.66
C PRO A 41 -63.34 5.51 -13.77
N TYR A 42 -62.68 4.40 -14.09
CA TYR A 42 -61.70 3.84 -13.16
C TYR A 42 -60.35 3.37 -13.71
N LEU A 43 -60.16 3.44 -15.03
CA LEU A 43 -58.97 2.87 -15.67
C LEU A 43 -57.66 3.47 -15.20
N GLU A 44 -57.66 4.79 -14.98
CA GLU A 44 -56.49 5.49 -14.45
C GLU A 44 -56.02 4.90 -13.12
N LYS A 45 -56.95 4.63 -12.22
CA LYS A 45 -56.65 4.13 -10.88
C LYS A 45 -56.30 2.64 -10.89
N ALA A 46 -57.06 1.87 -11.65
CA ALA A 46 -56.93 0.41 -11.72
C ALA A 46 -55.64 -0.05 -12.39
N PHE A 47 -55.08 0.80 -13.24
CA PHE A 47 -53.86 0.51 -13.96
C PHE A 47 -52.68 0.23 -13.03
N PHE A 48 -52.48 1.11 -12.07
CA PHE A 48 -51.33 0.99 -11.17
C PHE A 48 -51.69 0.41 -9.81
N GLU A 49 -52.98 0.10 -9.63
CA GLU A 49 -53.51 -0.39 -8.36
C GLU A 49 -52.74 -1.61 -7.82
N MET A 50 -52.55 -2.64 -8.67
CA MET A 50 -51.87 -3.87 -8.23
C MET A 50 -50.39 -3.70 -7.86
N VAL A 51 -49.73 -2.74 -8.49
CA VAL A 51 -48.36 -2.38 -8.15
C VAL A 51 -48.34 -1.77 -6.76
N LEU A 52 -49.25 -0.84 -6.53
CA LEU A 52 -49.33 -0.12 -5.26
C LEU A 52 -49.79 -0.98 -4.10
N ASN A 53 -50.56 -2.03 -4.40
CA ASN A 53 -51.18 -2.89 -3.38
C ASN A 53 -50.23 -3.56 -2.40
N GLY A 54 -49.02 -3.84 -2.85
CA GLY A 54 -48.01 -4.44 -1.99
C GLY A 54 -46.99 -5.20 -2.80
N GLY A 55 -46.29 -6.11 -2.13
CA GLY A 55 -45.25 -6.91 -2.75
C GLY A 55 -43.97 -6.73 -1.98
N LYS A 56 -43.11 -7.75 -2.00
CA LYS A 56 -41.84 -7.70 -1.30
C LYS A 56 -40.81 -6.86 -2.07
N ARG A 57 -41.09 -6.60 -3.34
CA ARG A 57 -40.20 -5.86 -4.25
C ARG A 57 -38.88 -6.62 -4.40
N PHE A 58 -38.97 -7.96 -4.38
CA PHE A 58 -37.78 -8.82 -4.38
C PHE A 58 -36.91 -8.61 -5.60
N ARG A 59 -37.56 -8.47 -6.76
CA ARG A 59 -36.83 -8.28 -8.01
C ARG A 59 -36.16 -6.89 -8.14
N PRO A 60 -36.87 -5.79 -7.80
CA PRO A 60 -36.13 -4.52 -7.73
C PRO A 60 -35.01 -4.52 -6.70
N LYS A 61 -35.23 -5.15 -5.54
CA LYS A 61 -34.17 -5.33 -4.55
C LYS A 61 -32.96 -6.11 -5.08
N LEU A 62 -33.20 -7.11 -5.91
CA LEU A 62 -32.13 -7.84 -6.59
C LEU A 62 -31.35 -6.94 -7.54
N PHE A 63 -32.10 -6.17 -8.33
CA PHE A 63 -31.55 -5.19 -9.25
C PHE A 63 -30.69 -4.16 -8.52
N LEU A 64 -31.23 -3.62 -7.44
CA LEU A 64 -30.53 -2.60 -6.66
C LEU A 64 -29.32 -3.12 -5.89
N ALA A 65 -29.40 -4.37 -5.43
CA ALA A 65 -28.27 -5.00 -4.74
C ALA A 65 -27.03 -5.03 -5.60
N VAL A 66 -27.19 -5.42 -6.86
CA VAL A 66 -26.10 -5.40 -7.82
C VAL A 66 -25.64 -3.98 -8.06
N LEU A 67 -26.59 -3.11 -8.37
CA LEU A 67 -26.31 -1.75 -8.81
C LEU A 67 -25.68 -0.87 -7.73
N CYS A 68 -26.26 -0.86 -6.52
CA CYS A 68 -25.72 -0.09 -5.40
C CYS A 68 -24.31 -0.51 -5.03
N ALA A 69 -23.98 -1.78 -5.23
CA ALA A 69 -22.67 -2.29 -4.89
C ALA A 69 -21.61 -2.05 -5.97
N LEU A 70 -22.04 -1.97 -7.23
CA LEU A 70 -21.08 -1.87 -8.32
C LEU A 70 -20.67 -0.44 -8.66
N VAL A 71 -21.61 0.49 -8.51
CA VAL A 71 -21.30 1.91 -8.79
C VAL A 71 -21.16 2.73 -7.51
N GLY A 72 -20.17 3.64 -7.50
CA GLY A 72 -19.91 4.54 -6.37
C GLY A 72 -21.08 5.46 -6.07
N GLN A 73 -21.32 5.71 -4.78
CA GLN A 73 -22.50 6.46 -4.29
C GLN A 73 -22.69 7.84 -4.93
N LYS A 74 -21.60 8.54 -5.21
CA LYS A 74 -21.68 9.85 -5.86
C LYS A 74 -22.08 9.72 -7.34
N ASP A 75 -21.50 8.73 -8.02
CA ASP A 75 -21.81 8.42 -9.43
C ASP A 75 -23.24 7.89 -9.58
N TYR A 76 -23.70 7.21 -8.53
CA TYR A 76 -25.04 6.68 -8.43
C TYR A 76 -26.08 7.79 -8.32
N SER A 77 -25.75 8.82 -7.52
CA SER A 77 -26.70 9.87 -7.11
C SER A 77 -27.40 10.62 -8.23
N ASN A 78 -26.65 10.94 -9.29
CA ASN A 78 -27.18 11.70 -10.41
C ASN A 78 -28.19 10.92 -11.23
N GLN A 79 -28.00 9.61 -11.31
CA GLN A 79 -28.82 8.74 -12.15
C GLN A 79 -29.88 7.96 -11.36
N GLN A 80 -30.04 8.28 -10.07
CA GLN A 80 -30.94 7.54 -9.17
C GLN A 80 -32.36 7.33 -9.73
N THR A 81 -32.96 8.42 -10.22
CA THR A 81 -34.31 8.39 -10.81
C THR A 81 -34.37 7.45 -12.00
N GLU A 82 -33.29 7.44 -12.79
CA GLU A 82 -33.25 6.62 -13.99
C GLU A 82 -33.13 5.14 -13.64
N TYR A 83 -32.32 4.86 -12.63
CA TYR A 83 -32.18 3.52 -12.08
C TYR A 83 -33.49 3.02 -11.47
N PHE A 84 -34.24 3.93 -10.85
CA PHE A 84 -35.52 3.61 -10.26
C PHE A 84 -36.59 3.29 -11.30
N LYS A 85 -36.51 3.94 -12.46
CA LYS A 85 -37.41 3.67 -13.59
C LYS A 85 -37.21 2.23 -14.07
N ILE A 86 -35.95 1.84 -14.24
CA ILE A 86 -35.58 0.46 -14.60
C ILE A 86 -36.08 -0.57 -13.58
N ALA A 87 -35.87 -0.27 -12.30
CA ALA A 87 -36.35 -1.11 -11.22
C ALA A 87 -37.88 -1.25 -11.24
N LEU A 88 -38.56 -0.15 -11.54
CA LEU A 88 -40.03 -0.16 -11.64
C LEU A 88 -40.53 -0.95 -12.86
N SER A 89 -39.75 -0.93 -13.94
CA SER A 89 -40.13 -1.67 -15.14
C SER A 89 -40.14 -3.17 -14.88
N ILE A 90 -39.19 -3.64 -14.08
CA ILE A 90 -39.12 -5.04 -13.66
C ILE A 90 -40.34 -5.40 -12.81
N GLU A 91 -40.70 -4.49 -11.90
CA GLU A 91 -41.85 -4.68 -11.03
C GLU A 91 -43.17 -4.64 -11.80
N CYS A 92 -43.27 -3.77 -12.79
CA CYS A 92 -44.47 -3.72 -13.63
C CYS A 92 -44.68 -5.03 -14.40
N LEU A 93 -43.62 -5.53 -15.03
CA LEU A 93 -43.70 -6.81 -15.74
C LEU A 93 -44.04 -7.95 -14.80
N HIS A 94 -43.41 -7.97 -13.63
CA HIS A 94 -43.75 -8.95 -12.59
C HIS A 94 -45.23 -8.84 -12.17
N THR A 95 -45.69 -7.62 -11.89
CA THR A 95 -47.09 -7.38 -11.53
C THR A 95 -48.08 -7.80 -12.63
N TYR A 96 -47.76 -7.49 -13.88
CA TYR A 96 -48.57 -7.96 -15.03
C TYR A 96 -48.77 -9.48 -14.99
N SER A 97 -47.70 -10.24 -14.73
CA SER A 97 -47.78 -11.71 -14.72
C SER A 97 -48.67 -12.21 -13.60
N LEU A 98 -48.60 -11.56 -12.43
CA LEU A 98 -49.48 -11.85 -11.29
C LEU A 98 -50.96 -11.65 -11.65
N ILE A 99 -51.27 -10.51 -12.29
CA ILE A 99 -52.64 -10.21 -12.73
C ILE A 99 -53.19 -11.28 -13.67
N HIS A 100 -52.40 -11.66 -14.67
CA HIS A 100 -52.81 -12.71 -15.61
C HIS A 100 -52.81 -14.11 -15.01
N ASP A 101 -51.91 -14.35 -14.05
CA ASP A 101 -51.89 -15.58 -13.30
C ASP A 101 -53.18 -15.80 -12.47
N ASP A 102 -53.71 -14.72 -11.91
CA ASP A 102 -54.89 -14.79 -11.06
C ASP A 102 -56.22 -14.85 -11.80
N LEU A 103 -56.17 -14.75 -13.12
CA LEU A 103 -57.38 -14.78 -13.97
C LEU A 103 -58.20 -16.05 -13.77
N PRO A 104 -59.55 -15.95 -13.90
CA PRO A 104 -60.44 -17.09 -13.74
C PRO A 104 -60.04 -18.31 -14.55
N CYS A 105 -59.62 -18.10 -15.80
CA CYS A 105 -59.18 -19.19 -16.68
C CYS A 105 -57.81 -19.73 -16.29
N MET A 106 -57.06 -18.97 -15.50
CA MET A 106 -55.75 -19.41 -15.04
C MET A 106 -55.83 -20.00 -13.62
N ASP A 107 -55.31 -19.30 -12.61
CA ASP A 107 -55.34 -19.84 -11.23
C ASP A 107 -56.59 -19.45 -10.44
N ASN A 108 -57.43 -18.60 -11.03
CA ASN A 108 -58.68 -18.11 -10.42
C ASN A 108 -58.53 -17.68 -8.95
N ALA A 109 -57.77 -16.62 -8.72
CA ALA A 109 -57.52 -16.15 -7.37
C ALA A 109 -58.30 -14.87 -7.09
N ALA A 110 -58.89 -14.78 -5.90
CA ALA A 110 -59.69 -13.62 -5.53
C ALA A 110 -58.87 -12.57 -4.76
N LEU A 111 -57.73 -12.99 -4.20
CA LEU A 111 -56.89 -12.11 -3.39
C LEU A 111 -55.43 -12.13 -3.85
N ARG A 112 -54.81 -10.96 -3.91
CA ARG A 112 -53.36 -10.83 -4.01
C ARG A 112 -52.85 -9.54 -3.36
N ARG A 113 -51.72 -9.66 -2.67
CA ARG A 113 -51.05 -8.55 -1.98
C ARG A 113 -51.99 -7.87 -0.96
N ASN A 114 -52.75 -8.72 -0.25
CA ASN A 114 -53.78 -8.35 0.74
C ASN A 114 -54.94 -7.50 0.23
N HIS A 115 -55.26 -7.64 -1.06
CA HIS A 115 -56.26 -6.83 -1.73
C HIS A 115 -57.00 -7.69 -2.76
N PRO A 116 -58.24 -7.29 -3.14
CA PRO A 116 -58.94 -8.02 -4.21
C PRO A 116 -58.22 -7.93 -5.55
N THR A 117 -58.35 -8.98 -6.35
CA THR A 117 -57.75 -9.02 -7.68
C THR A 117 -58.60 -8.20 -8.65
N LEU A 118 -57.96 -7.76 -9.74
CA LEU A 118 -58.60 -6.82 -10.67
C LEU A 118 -59.88 -7.36 -11.28
N HIS A 119 -59.93 -8.66 -11.54
CA HIS A 119 -61.13 -9.29 -12.09
C HIS A 119 -62.25 -9.48 -11.05
N ALA A 120 -61.89 -9.50 -9.77
CA ALA A 120 -62.88 -9.63 -8.70
C ALA A 120 -63.48 -8.27 -8.33
N LYS A 121 -62.62 -7.25 -8.24
CA LYS A 121 -63.05 -5.88 -7.97
C LYS A 121 -63.74 -5.22 -9.16
N TYR A 122 -63.21 -5.43 -10.36
CA TYR A 122 -63.77 -4.78 -11.55
C TYR A 122 -64.48 -5.79 -12.45
N ASP A 123 -63.77 -6.32 -13.45
CA ASP A 123 -64.22 -7.49 -14.22
C ASP A 123 -63.05 -8.13 -14.97
N GLU A 124 -63.31 -9.27 -15.60
CA GLU A 124 -62.30 -10.09 -16.25
C GLU A 124 -61.54 -9.33 -17.33
N THR A 125 -62.30 -8.66 -18.17
CA THR A 125 -61.81 -7.82 -19.26
C THR A 125 -60.82 -6.76 -18.77
N THR A 126 -61.19 -6.06 -17.69
CA THR A 126 -60.35 -5.05 -17.09
C THR A 126 -59.01 -5.65 -16.66
N ALA A 127 -59.07 -6.84 -16.06
CA ALA A 127 -57.87 -7.54 -15.62
C ALA A 127 -56.97 -7.95 -16.78
N VAL A 128 -57.55 -8.53 -17.84
CA VAL A 128 -56.77 -8.88 -19.02
C VAL A 128 -56.03 -7.65 -19.58
N LEU A 129 -56.79 -6.57 -19.79
CA LEU A 129 -56.29 -5.35 -20.43
C LEU A 129 -55.25 -4.58 -19.62
N ILE A 130 -55.39 -4.56 -18.31
CA ILE A 130 -54.41 -3.87 -17.45
C ILE A 130 -53.11 -4.65 -17.36
N GLY A 131 -53.23 -5.97 -17.23
CA GLY A 131 -52.10 -6.87 -17.38
C GLY A 131 -51.33 -6.56 -18.65
N ASP A 132 -52.06 -6.50 -19.76
CA ASP A 132 -51.49 -6.11 -21.05
C ASP A 132 -50.79 -4.76 -21.01
N ALA A 133 -51.45 -3.79 -20.40
CA ALA A 133 -50.92 -2.44 -20.25
C ALA A 133 -49.62 -2.42 -19.47
N LEU A 134 -49.55 -3.17 -18.36
CA LEU A 134 -48.34 -3.20 -17.55
C LEU A 134 -47.18 -3.93 -18.23
N ASN A 135 -47.52 -4.95 -19.01
CA ASN A 135 -46.58 -5.66 -19.87
C ASN A 135 -45.88 -4.66 -20.81
N THR A 136 -46.69 -3.90 -21.55
CA THR A 136 -46.19 -2.91 -22.50
C THR A 136 -45.52 -1.74 -21.77
N TYR A 137 -46.07 -1.35 -20.62
CA TYR A 137 -45.57 -0.22 -19.85
C TYR A 137 -44.16 -0.40 -19.32
N SER A 138 -43.80 -1.65 -19.00
CA SER A 138 -42.44 -2.03 -18.62
C SER A 138 -41.43 -1.53 -19.62
N PHE A 139 -41.74 -1.69 -20.89
CA PHE A 139 -40.81 -1.26 -21.93
C PHE A 139 -40.86 0.24 -22.19
N GLU A 140 -42.02 0.86 -21.98
CA GLU A 140 -42.09 2.33 -21.94
C GLU A 140 -41.18 2.92 -20.85
N LEU A 141 -41.28 2.40 -19.62
CA LEU A 141 -40.43 2.89 -18.52
C LEU A 141 -38.95 2.72 -18.82
N LEU A 142 -38.60 1.56 -19.38
CA LEU A 142 -37.22 1.25 -19.70
C LEU A 142 -36.66 2.20 -20.75
N SER A 143 -37.43 2.42 -21.82
CA SER A 143 -37.01 3.32 -22.91
C SER A 143 -36.97 4.80 -22.51
N ASN A 144 -37.68 5.16 -21.44
CA ASN A 144 -37.67 6.52 -20.91
C ASN A 144 -36.62 6.81 -19.82
N ALA A 145 -35.89 5.78 -19.41
CA ALA A 145 -34.82 5.96 -18.44
C ALA A 145 -33.61 6.59 -19.11
N LEU A 146 -33.10 7.66 -18.52
CA LEU A 146 -32.06 8.47 -19.15
C LEU A 146 -30.67 7.94 -18.83
N LEU A 147 -30.36 6.79 -19.40
CA LEU A 147 -29.01 6.26 -19.40
C LEU A 147 -28.56 6.22 -20.84
N GLU A 148 -27.30 5.85 -21.06
CA GLU A 148 -26.78 5.68 -22.40
C GLU A 148 -27.65 4.72 -23.22
N SER A 149 -27.83 5.06 -24.49
CA SER A 149 -28.71 4.36 -25.38
C SER A 149 -28.42 2.86 -25.49
N HIS A 150 -27.13 2.51 -25.57
CA HIS A 150 -26.74 1.11 -25.74
C HIS A 150 -27.02 0.28 -24.50
N ILE A 151 -27.03 0.94 -23.34
CA ILE A 151 -27.40 0.30 -22.08
C ILE A 151 -28.90 -0.01 -22.08
N ILE A 152 -29.71 0.99 -22.43
CA ILE A 152 -31.16 0.85 -22.52
C ILE A 152 -31.55 -0.31 -23.45
N VAL A 153 -30.94 -0.36 -24.64
CA VAL A 153 -31.21 -1.43 -25.62
C VAL A 153 -30.91 -2.80 -25.00
N GLU A 154 -29.78 -2.90 -24.32
CA GLU A 154 -29.34 -4.13 -23.69
C GLU A 154 -30.29 -4.56 -22.55
N LEU A 155 -30.80 -3.57 -21.81
CA LEU A 155 -31.73 -3.85 -20.73
C LEU A 155 -33.06 -4.41 -21.25
N ILE A 156 -33.54 -3.83 -22.35
CA ILE A 156 -34.76 -4.26 -23.01
C ILE A 156 -34.60 -5.66 -23.58
N LYS A 157 -33.45 -5.93 -24.19
CA LYS A 157 -33.11 -7.28 -24.66
C LYS A 157 -33.27 -8.33 -23.56
N ILE A 158 -32.72 -8.05 -22.38
CA ILE A 158 -32.76 -8.98 -21.28
C ILE A 158 -34.18 -9.18 -20.73
N LEU A 159 -34.87 -8.07 -20.43
CA LEU A 159 -36.21 -8.14 -19.85
C LEU A 159 -37.19 -8.84 -20.78
N SER A 160 -37.09 -8.56 -22.08
CA SER A 160 -38.01 -9.18 -23.04
C SER A 160 -37.71 -10.66 -23.30
N ALA A 161 -36.43 -11.04 -23.35
CA ALA A 161 -36.09 -12.45 -23.54
C ALA A 161 -36.56 -13.29 -22.36
N ASN A 162 -36.27 -12.81 -21.15
CA ASN A 162 -36.55 -13.60 -19.95
C ASN A 162 -38.00 -13.58 -19.52
N GLY A 163 -38.70 -12.49 -19.83
CA GLY A 163 -40.12 -12.35 -19.48
C GLY A 163 -41.06 -12.87 -20.55
N GLY A 164 -40.52 -13.18 -21.72
CA GLY A 164 -41.34 -13.60 -22.86
C GLY A 164 -41.44 -15.10 -23.06
N ILE A 165 -41.67 -15.48 -24.32
CA ILE A 165 -41.95 -16.86 -24.72
C ILE A 165 -40.88 -17.90 -24.33
N LYS A 166 -39.61 -17.49 -24.33
CA LYS A 166 -38.52 -18.41 -23.99
CA LYS A 166 -38.50 -18.39 -24.01
C LYS A 166 -38.28 -18.50 -22.50
N GLY A 167 -38.94 -17.65 -21.74
CA GLY A 167 -38.76 -17.62 -20.29
C GLY A 167 -40.03 -17.78 -19.48
N MET A 168 -40.45 -16.67 -18.88
CA MET A 168 -41.61 -16.65 -17.98
CA MET A 168 -41.61 -16.63 -17.99
C MET A 168 -42.85 -17.30 -18.59
N ILE A 169 -43.12 -17.00 -19.87
CA ILE A 169 -44.34 -17.50 -20.51
C ILE A 169 -44.33 -19.00 -20.78
N LEU A 170 -43.18 -19.53 -21.19
CA LEU A 170 -43.00 -20.98 -21.32
C LEU A 170 -43.36 -21.67 -20.01
N GLY A 171 -42.82 -21.15 -18.91
CA GLY A 171 -43.13 -21.65 -17.59
C GLY A 171 -44.62 -21.67 -17.27
N GLN A 172 -45.30 -20.55 -17.57
CA GLN A 172 -46.73 -20.41 -17.30
C GLN A 172 -47.57 -21.35 -18.16
N ALA A 173 -47.23 -21.42 -19.45
CA ALA A 173 -47.91 -22.32 -20.38
C ALA A 173 -47.75 -23.80 -20.00
N LEU A 174 -46.56 -24.18 -19.54
CA LEU A 174 -46.30 -25.53 -19.04
C LEU A 174 -47.16 -25.82 -17.82
N ASP A 175 -47.13 -24.90 -16.87
CA ASP A 175 -47.86 -25.01 -15.61
C ASP A 175 -49.35 -25.26 -15.84
N CYS A 176 -49.93 -24.52 -16.78
CA CYS A 176 -51.34 -24.64 -17.11
C CYS A 176 -51.68 -25.84 -17.97
N TYR A 177 -50.86 -26.15 -18.98
CA TYR A 177 -51.14 -27.31 -19.83
C TYR A 177 -51.06 -28.64 -19.08
N PHE A 178 -50.07 -28.77 -18.21
CA PHE A 178 -49.86 -30.00 -17.46
C PHE A 178 -50.44 -29.94 -16.06
N GLU A 179 -51.49 -29.14 -15.86
CA GLU A 179 -52.09 -28.99 -14.52
C GLU A 179 -52.69 -30.30 -13.98
N ASN A 180 -53.10 -31.20 -14.87
CA ASN A 180 -53.60 -32.52 -14.47
C ASN A 180 -52.57 -33.64 -14.54
N THR A 181 -51.65 -33.55 -15.50
CA THR A 181 -50.55 -34.50 -15.64
C THR A 181 -49.55 -34.35 -14.47
N PRO A 182 -49.25 -35.46 -13.77
CA PRO A 182 -48.20 -35.36 -12.76
C PRO A 182 -46.83 -35.44 -13.43
N LEU A 183 -45.99 -34.45 -13.17
CA LEU A 183 -44.68 -34.36 -13.82
C LEU A 183 -43.61 -34.97 -12.93
N ASN A 184 -42.48 -35.34 -13.52
CA ASN A 184 -41.35 -35.75 -12.70
C ASN A 184 -40.59 -34.54 -12.15
N LEU A 185 -39.57 -34.79 -11.33
CA LEU A 185 -38.83 -33.72 -10.66
C LEU A 185 -38.03 -32.88 -11.63
N GLU A 186 -37.48 -33.52 -12.66
CA GLU A 186 -36.71 -32.81 -13.67
C GLU A 186 -37.61 -31.85 -14.48
N GLN A 187 -38.83 -32.28 -14.75
CA GLN A 187 -39.80 -31.47 -15.52
C GLN A 187 -40.33 -30.30 -14.71
N LEU A 188 -40.65 -30.55 -13.43
CA LEU A 188 -41.11 -29.52 -12.53
C LEU A 188 -40.04 -28.45 -12.26
N THR A 189 -38.80 -28.89 -12.14
CA THR A 189 -37.64 -28.02 -12.00
C THR A 189 -37.50 -27.11 -13.23
N PHE A 190 -37.64 -27.69 -14.42
CA PHE A 190 -37.59 -26.96 -15.69
C PHE A 190 -38.68 -25.88 -15.73
N LEU A 191 -39.89 -26.29 -15.36
CA LEU A 191 -41.04 -25.42 -15.34
C LEU A 191 -40.79 -24.22 -14.41
N HIS A 192 -40.39 -24.50 -13.17
CA HIS A 192 -40.09 -23.49 -12.17
C HIS A 192 -38.96 -22.55 -12.54
N GLU A 193 -37.94 -23.07 -13.23
CA GLU A 193 -36.84 -22.25 -13.70
C GLU A 193 -37.33 -21.22 -14.70
N HIS A 194 -38.30 -21.62 -15.51
CA HIS A 194 -38.83 -20.74 -16.53
C HIS A 194 -39.87 -19.78 -15.98
N LYS A 195 -40.87 -20.34 -15.30
CA LYS A 195 -41.93 -19.60 -14.62
C LYS A 195 -41.41 -18.51 -13.64
N THR A 196 -40.34 -18.81 -12.91
CA THR A 196 -39.92 -17.95 -11.79
C THR A 196 -38.45 -17.49 -11.83
N ALA A 197 -37.54 -18.41 -12.11
CA ALA A 197 -36.11 -18.10 -12.01
C ALA A 197 -35.59 -17.18 -13.11
N LYS A 198 -36.23 -17.23 -14.27
CA LYS A 198 -35.81 -16.46 -15.43
C LYS A 198 -35.86 -14.95 -15.15
N LEU A 199 -36.95 -14.50 -14.54
CA LEU A 199 -37.09 -13.09 -14.20
C LEU A 199 -36.22 -12.65 -13.02
N ILE A 200 -35.94 -13.60 -12.12
CA ILE A 200 -35.05 -13.36 -11.00
C ILE A 200 -33.60 -13.19 -11.47
N SER A 201 -33.16 -14.03 -12.40
CA SER A 201 -31.82 -13.89 -12.95
C SER A 201 -31.69 -12.63 -13.81
N ALA A 202 -32.75 -12.32 -14.56
CA ALA A 202 -32.85 -11.06 -15.33
C ALA A 202 -32.58 -9.83 -14.45
N SER A 203 -33.28 -9.74 -13.31
CA SER A 203 -33.06 -8.68 -12.32
C SER A 203 -31.61 -8.52 -11.91
N LEU A 204 -30.92 -9.64 -11.72
CA LEU A 204 -29.51 -9.64 -11.34
C LEU A 204 -28.61 -9.08 -12.44
N ILE A 205 -28.73 -9.62 -13.66
CA ILE A 205 -27.87 -9.19 -14.78
C ILE A 205 -28.21 -7.80 -15.31
N MET A 206 -29.47 -7.38 -15.15
CA MET A 206 -29.90 -6.03 -15.52
C MET A 206 -29.19 -4.99 -14.66
N GLY A 207 -28.97 -5.31 -13.38
CA GLY A 207 -28.16 -4.49 -12.48
C GLY A 207 -26.75 -4.22 -12.96
N LEU A 208 -26.06 -5.27 -13.39
CA LEU A 208 -24.71 -5.14 -13.92
C LEU A 208 -24.68 -4.32 -15.22
N VAL A 209 -25.62 -4.62 -16.12
CA VAL A 209 -25.77 -3.87 -17.37
C VAL A 209 -26.06 -2.38 -17.11
N ALA A 210 -26.96 -2.09 -16.16
CA ALA A 210 -27.34 -0.71 -15.83
C ALA A 210 -26.21 0.10 -15.20
N SER A 211 -25.24 -0.61 -14.61
CA SER A 211 -24.09 0.03 -13.98
C SER A 211 -23.09 0.56 -15.01
N GLY A 212 -23.10 -0.02 -16.20
CA GLY A 212 -22.20 0.40 -17.26
C GLY A 212 -20.91 -0.41 -17.30
N ILE A 213 -20.68 -1.20 -16.25
CA ILE A 213 -19.44 -1.96 -16.11
C ILE A 213 -19.43 -3.21 -16.99
N LYS A 214 -18.42 -3.32 -17.84
CA LYS A 214 -18.17 -4.57 -18.57
C LYS A 214 -17.50 -5.58 -17.64
N ASP A 215 -18.15 -6.74 -17.47
CA ASP A 215 -17.64 -7.81 -16.63
C ASP A 215 -18.34 -9.10 -17.01
N GLU A 216 -17.86 -9.72 -18.07
CA GLU A 216 -18.47 -10.90 -18.66
C GLU A 216 -18.48 -12.09 -17.70
N GLU A 217 -17.41 -12.21 -16.92
CA GLU A 217 -17.28 -13.26 -15.91
C GLU A 217 -18.36 -13.13 -14.82
N LEU A 218 -18.58 -11.90 -14.35
CA LEU A 218 -19.62 -11.62 -13.35
C LEU A 218 -21.03 -11.79 -13.91
N PHE A 219 -21.22 -11.36 -15.16
CA PHE A 219 -22.47 -11.54 -15.90
C PHE A 219 -22.93 -12.99 -15.87
N LYS A 220 -22.05 -13.88 -16.33
CA LYS A 220 -22.34 -15.31 -16.40
C LYS A 220 -22.55 -15.91 -15.03
N TRP A 221 -21.89 -15.36 -14.02
CA TRP A 221 -22.05 -15.81 -12.65
C TRP A 221 -23.42 -15.44 -12.12
N LEU A 222 -23.82 -14.18 -12.35
CA LEU A 222 -25.08 -13.67 -11.81
C LEU A 222 -26.26 -14.39 -12.44
N GLN A 223 -26.15 -14.63 -13.74
CA GLN A 223 -27.17 -15.31 -14.51
C GLN A 223 -27.39 -16.74 -14.00
N ALA A 224 -26.30 -17.44 -13.72
CA ALA A 224 -26.37 -18.80 -13.20
C ALA A 224 -26.88 -18.81 -11.76
N PHE A 225 -26.42 -17.84 -10.97
CA PHE A 225 -26.83 -17.73 -9.58
C PHE A 225 -28.33 -17.49 -9.47
N GLY A 226 -28.86 -16.66 -10.37
CA GLY A 226 -30.28 -16.33 -10.41
C GLY A 226 -31.19 -17.49 -10.76
N LEU A 227 -30.74 -18.36 -11.66
CA LEU A 227 -31.49 -19.56 -12.00
C LEU A 227 -31.58 -20.53 -10.83
N LYS A 228 -30.49 -20.68 -10.09
CA LYS A 228 -30.44 -21.57 -8.95
C LYS A 228 -31.24 -20.99 -7.79
N MET A 229 -31.05 -19.70 -7.52
CA MET A 229 -31.74 -19.05 -6.41
C MET A 229 -33.22 -18.82 -6.71
N GLY A 230 -33.54 -18.62 -7.99
CA GLY A 230 -34.93 -18.45 -8.43
C GLY A 230 -35.72 -19.73 -8.35
N LEU A 231 -35.07 -20.85 -8.63
CA LEU A 231 -35.66 -22.17 -8.36
C LEU A 231 -35.96 -22.33 -6.87
N CYS A 232 -34.99 -21.98 -6.03
CA CYS A 232 -35.17 -22.01 -4.59
C CYS A 232 -36.32 -21.13 -4.12
N PHE A 233 -36.45 -19.95 -4.74
CA PHE A 233 -37.55 -19.02 -4.46
C PHE A 233 -38.92 -19.68 -4.68
N GLN A 234 -39.09 -20.35 -5.82
CA GLN A 234 -40.35 -21.01 -6.14
C GLN A 234 -40.66 -22.23 -5.27
N VAL A 235 -39.62 -22.97 -4.87
CA VAL A 235 -39.78 -24.11 -3.98
C VAL A 235 -40.28 -23.63 -2.63
N LEU A 236 -39.73 -22.53 -2.15
CA LEU A 236 -40.21 -21.91 -0.92
C LEU A 236 -41.63 -21.35 -1.06
N ASP A 237 -41.96 -20.88 -2.26
CA ASP A 237 -43.30 -20.38 -2.56
C ASP A 237 -44.32 -21.51 -2.55
N ASP A 238 -43.92 -22.67 -3.08
CA ASP A 238 -44.76 -23.88 -3.06
C ASP A 238 -45.06 -24.31 -1.63
N ILE A 239 -44.07 -24.16 -0.75
CA ILE A 239 -44.21 -24.52 0.66
C ILE A 239 -45.08 -23.50 1.38
N ILE A 240 -44.98 -22.24 0.96
CA ILE A 240 -45.80 -21.14 1.51
C ILE A 240 -47.31 -21.45 1.42
N ASP A 241 -47.74 -22.03 0.30
CA ASP A 241 -49.14 -22.39 0.07
C ASP A 241 -49.77 -23.27 1.16
N VAL A 242 -49.02 -24.22 1.69
CA VAL A 242 -49.54 -25.14 2.71
C VAL A 242 -49.19 -24.72 4.14
N THR A 243 -48.18 -23.85 4.29
CA THR A 243 -47.71 -23.43 5.61
C THR A 243 -48.29 -22.10 6.09
N GLN A 244 -48.80 -21.30 5.17
CA GLN A 244 -49.32 -19.96 5.48
C GLN A 244 -50.78 -19.81 5.10
N ASP A 245 -51.53 -19.10 5.94
CA ASP A 245 -52.89 -18.69 5.63
C ASP A 245 -52.89 -17.42 4.76
N GLU A 246 -54.08 -17.01 4.30
CA GLU A 246 -54.23 -15.87 3.39
C GLU A 246 -53.83 -14.51 3.97
N GLU A 247 -53.97 -14.36 5.29
CA GLU A 247 -53.61 -13.11 5.96
C GLU A 247 -52.09 -12.89 6.03
N GLU A 248 -51.34 -13.98 6.08
CA GLU A 248 -49.88 -13.92 6.12
C GLU A 248 -49.26 -13.87 4.71
N SER A 249 -49.80 -14.66 3.78
CA SER A 249 -49.29 -14.71 2.41
C SER A 249 -49.75 -13.53 1.56
N GLY A 250 -50.91 -12.96 1.91
CA GLY A 250 -51.49 -11.86 1.15
C GLY A 250 -52.28 -12.29 -0.08
N LYS A 251 -52.34 -13.59 -0.32
CA LYS A 251 -52.88 -14.13 -1.57
C LYS A 251 -53.65 -15.42 -1.33
N THR A 252 -54.52 -15.77 -2.28
CA THR A 252 -55.38 -16.95 -2.20
C THR A 252 -54.58 -18.27 -2.13
N THR A 253 -54.89 -19.07 -1.11
CA THR A 253 -54.41 -20.45 -1.01
C THR A 253 -55.13 -21.30 -2.05
N HIS A 254 -54.35 -21.87 -2.98
CA HIS A 254 -54.84 -22.76 -4.04
CA HIS A 254 -54.94 -22.72 -4.01
C HIS A 254 -55.31 -24.09 -3.45
N LEU A 255 -56.26 -24.75 -4.12
CA LEU A 255 -56.68 -26.10 -3.71
C LEU A 255 -55.59 -27.08 -4.16
N ASP A 256 -54.85 -27.57 -3.16
CA ASP A 256 -53.49 -28.12 -3.31
C ASP A 256 -53.25 -29.07 -4.50
N SER A 257 -53.85 -30.26 -4.44
CA SER A 257 -53.54 -31.37 -5.36
C SER A 257 -53.95 -31.17 -6.82
N ALA A 258 -54.64 -30.07 -7.09
CA ALA A 258 -55.09 -29.76 -8.45
C ALA A 258 -53.98 -29.34 -9.42
N LYS A 259 -52.78 -29.00 -8.92
CA LYS A 259 -51.70 -28.46 -9.75
CA LYS A 259 -51.70 -28.50 -9.77
C LYS A 259 -50.30 -29.02 -9.43
N ASN A 260 -49.29 -28.54 -10.16
N ASN A 260 -49.32 -28.46 -10.14
CA ASN A 260 -47.93 -29.05 -10.02
CA ASN A 260 -47.91 -28.86 -10.07
C ASN A 260 -47.00 -28.20 -9.17
C ASN A 260 -47.13 -28.06 -9.06
N SER A 261 -46.73 -28.68 -7.97
CA SER A 261 -45.83 -28.03 -7.02
C SER A 261 -44.90 -29.05 -6.37
N PHE A 262 -43.85 -28.53 -5.74
CA PHE A 262 -42.87 -29.37 -5.04
C PHE A 262 -43.48 -30.12 -3.86
N VAL A 263 -44.41 -29.47 -3.17
CA VAL A 263 -45.15 -30.07 -2.06
C VAL A 263 -46.05 -31.23 -2.53
N ASN A 264 -46.68 -31.08 -3.69
CA ASN A 264 -47.49 -32.16 -4.25
C ASN A 264 -46.65 -33.33 -4.71
N LEU A 265 -45.49 -33.01 -5.27
CA LEU A 265 -44.61 -34.02 -5.84
C LEU A 265 -43.86 -34.81 -4.77
N LEU A 266 -43.30 -34.11 -3.79
CA LEU A 266 -42.44 -34.71 -2.79
C LEU A 266 -43.16 -34.98 -1.47
N GLY A 267 -44.26 -34.28 -1.24
CA GLY A 267 -44.86 -34.22 0.10
C GLY A 267 -44.11 -33.13 0.87
N LEU A 268 -44.76 -32.60 1.90
CA LEU A 268 -44.22 -31.44 2.62
C LEU A 268 -42.87 -31.70 3.27
N GLU A 269 -42.73 -32.83 3.94
CA GLU A 269 -41.50 -33.17 4.68
C GLU A 269 -40.27 -33.26 3.76
N ARG A 270 -40.43 -33.92 2.63
CA ARG A 270 -39.37 -34.07 1.67
C ARG A 270 -39.08 -32.74 0.96
N ALA A 271 -40.13 -31.97 0.67
CA ALA A 271 -39.99 -30.65 0.06
C ALA A 271 -39.22 -29.69 0.96
N ASN A 272 -39.45 -29.75 2.26
CA ASN A 272 -38.66 -28.97 3.23
C ASN A 272 -37.18 -29.35 3.22
N ASN A 273 -36.89 -30.65 3.07
CA ASN A 273 -35.51 -31.13 2.97
C ASN A 273 -34.84 -30.64 1.70
N TYR A 274 -35.58 -30.73 0.59
CA TYR A 274 -35.10 -30.28 -0.70
C TYR A 274 -34.81 -28.78 -0.63
N ALA A 275 -35.73 -28.03 -0.03
CA ALA A 275 -35.58 -26.58 0.12
C ALA A 275 -34.40 -26.18 1.01
N GLN A 276 -34.22 -26.87 2.14
CA GLN A 276 -33.11 -26.55 3.06
C GLN A 276 -31.75 -26.74 2.41
N THR A 277 -31.62 -27.80 1.61
CA THR A 277 -30.33 -28.09 0.97
C THR A 277 -30.11 -27.18 -0.24
N LEU A 278 -31.21 -26.77 -0.87
CA LEU A 278 -31.13 -25.77 -1.92
C LEU A 278 -30.68 -24.41 -1.36
N LYS A 279 -31.24 -24.01 -0.22
CA LYS A 279 -30.85 -22.79 0.48
C LYS A 279 -29.37 -22.77 0.82
N THR A 280 -28.88 -23.92 1.30
CA THR A 280 -27.48 -24.08 1.74
C THR A 280 -26.54 -23.90 0.56
N GLU A 281 -26.87 -24.53 -0.57
CA GLU A 281 -26.06 -24.39 -1.78
C GLU A 281 -26.04 -22.95 -2.31
N VAL A 282 -27.19 -22.27 -2.25
CA VAL A 282 -27.32 -20.87 -2.68
C VAL A 282 -26.37 -19.96 -1.89
N LEU A 283 -26.41 -20.08 -0.57
CA LEU A 283 -25.54 -19.29 0.31
C LEU A 283 -24.07 -19.67 0.21
N ASN A 284 -23.78 -20.94 -0.06
CA ASN A 284 -22.41 -21.39 -0.34
C ASN A 284 -21.85 -20.82 -1.64
N ASP A 285 -22.67 -20.81 -2.69
CA ASP A 285 -22.29 -20.19 -3.97
C ASP A 285 -21.99 -18.71 -3.81
N LEU A 286 -22.72 -18.08 -2.89
CA LEU A 286 -22.56 -16.67 -2.60
C LEU A 286 -21.21 -16.35 -1.93
N ASP A 287 -20.63 -17.33 -1.23
CA ASP A 287 -19.30 -17.18 -0.62
C ASP A 287 -18.17 -16.99 -1.64
N ALA A 288 -18.36 -17.49 -2.85
CA ALA A 288 -17.40 -17.32 -3.95
C ALA A 288 -17.28 -15.88 -4.44
N LEU A 289 -18.26 -15.05 -4.08
CA LEU A 289 -18.21 -13.65 -4.44
C LEU A 289 -17.32 -12.88 -3.50
N LYS A 290 -17.21 -13.36 -2.26
CA LYS A 290 -16.61 -12.60 -1.16
C LYS A 290 -15.18 -12.05 -1.37
N PRO A 291 -14.25 -12.86 -1.95
CA PRO A 291 -12.94 -12.25 -2.23
C PRO A 291 -12.99 -11.16 -3.31
N ALA A 292 -13.58 -11.49 -4.45
CA ALA A 292 -13.55 -10.62 -5.63
C ALA A 292 -14.54 -9.44 -5.57
N TYR A 293 -15.77 -9.69 -5.12
CA TYR A 293 -16.83 -8.67 -5.08
C TYR A 293 -17.52 -8.62 -3.71
N PRO A 294 -16.82 -8.11 -2.67
CA PRO A 294 -17.32 -8.17 -1.30
C PRO A 294 -18.55 -7.30 -1.03
N LEU A 295 -18.69 -6.19 -1.76
CA LEU A 295 -19.79 -5.26 -1.56
C LEU A 295 -21.09 -5.84 -2.12
N LEU A 296 -20.95 -6.56 -3.22
CA LEU A 296 -22.05 -7.25 -3.88
C LEU A 296 -22.52 -8.43 -3.05
N GLN A 297 -21.55 -9.20 -2.54
CA GLN A 297 -21.82 -10.31 -1.64
C GLN A 297 -22.62 -9.83 -0.43
N GLU A 298 -22.22 -8.70 0.14
CA GLU A 298 -22.85 -8.15 1.33
C GLU A 298 -24.32 -7.85 1.10
N ASN A 299 -24.62 -7.19 -0.01
CA ASN A 299 -25.97 -6.80 -0.35
C ASN A 299 -26.87 -8.00 -0.61
N LEU A 300 -26.36 -8.94 -1.40
CA LEU A 300 -27.12 -10.14 -1.77
C LEU A 300 -27.36 -11.05 -0.57
N ASN A 301 -26.33 -11.20 0.28
CA ASN A 301 -26.41 -12.03 1.50
C ASN A 301 -27.44 -11.52 2.50
N ALA A 302 -27.49 -10.20 2.65
CA ALA A 302 -28.47 -9.56 3.50
C ALA A 302 -29.88 -9.74 2.97
N LEU A 303 -30.03 -9.61 1.65
CA LEU A 303 -31.32 -9.77 1.00
C LEU A 303 -31.82 -11.21 1.13
N LEU A 304 -30.91 -12.16 0.93
CA LEU A 304 -31.29 -13.57 0.98
C LEU A 304 -31.56 -14.08 2.40
N ASN A 305 -30.80 -13.59 3.38
CA ASN A 305 -31.08 -13.89 4.81
C ASN A 305 -32.48 -13.45 5.24
N THR A 306 -32.88 -12.28 4.77
CA THR A 306 -34.20 -11.73 5.05
C THR A 306 -35.30 -12.59 4.40
N LEU A 307 -35.05 -13.04 3.19
CA LEU A 307 -36.00 -13.89 2.50
C LEU A 307 -36.09 -15.29 3.13
N PHE A 308 -34.93 -15.86 3.46
CA PHE A 308 -34.85 -17.22 3.97
C PHE A 308 -35.32 -17.39 5.42
N LYS A 309 -35.40 -16.28 6.17
CA LYS A 309 -35.90 -16.33 7.54
C LYS A 309 -37.42 -16.59 7.60
N GLY A 310 -38.12 -16.25 6.53
CA GLY A 310 -39.58 -16.32 6.48
C GLY A 310 -40.20 -14.94 6.52
N HIS B 8 8.02 -6.39 18.27
CA HIS B 8 7.08 -5.28 17.93
C HIS B 8 6.30 -5.63 16.65
N SER B 9 5.01 -5.30 16.62
CA SER B 9 4.14 -5.63 15.49
C SER B 9 4.10 -4.53 14.43
N LEU B 10 3.62 -4.87 13.24
CA LEU B 10 3.49 -3.93 12.13
C LEU B 10 2.08 -3.36 12.04
N SER B 11 1.98 -2.05 12.21
CA SER B 11 0.71 -1.33 12.21
C SER B 11 0.29 -0.96 10.81
N SER B 12 -1.01 -1.05 10.54
CA SER B 12 -1.59 -0.62 9.28
C SER B 12 -1.53 0.91 9.17
N PRO B 13 -1.62 1.46 7.94
CA PRO B 13 -1.68 2.90 7.73
C PRO B 13 -2.71 3.62 8.60
N ASN B 14 -3.90 3.04 8.72
CA ASN B 14 -4.97 3.54 9.60
C ASN B 14 -4.51 3.63 11.05
N LEU B 15 -4.01 2.51 11.57
CA LEU B 15 -3.56 2.40 12.95
C LEU B 15 -2.34 3.28 13.25
N SER B 16 -1.40 3.33 12.30
CA SER B 16 -0.20 4.14 12.43
C SER B 16 -0.52 5.64 12.43
N PHE B 17 -1.52 6.02 11.63
CA PHE B 17 -2.08 7.38 11.66
C PHE B 17 -2.63 7.72 13.06
N TYR B 18 -3.37 6.78 13.64
CA TYR B 18 -3.96 6.94 14.95
C TYR B 18 -2.88 7.14 16.02
N TYR B 19 -1.91 6.22 16.06
CA TYR B 19 -0.80 6.28 17.02
C TYR B 19 -0.03 7.60 16.96
N ASN B 20 0.21 8.08 15.75
CA ASN B 20 0.90 9.36 15.58
C ASN B 20 0.06 10.54 16.07
N GLU B 21 -1.26 10.45 15.88
CA GLU B 21 -2.15 11.50 16.37
C GLU B 21 -2.22 11.54 17.90
N CYS B 22 -2.14 10.37 18.52
CA CYS B 22 -2.04 10.27 19.97
C CYS B 22 -0.78 10.95 20.51
N GLU B 23 0.33 10.76 19.79
CA GLU B 23 1.60 11.39 20.16
C GLU B 23 1.56 12.88 19.92
N ARG B 24 0.91 13.31 18.84
CA ARG B 24 0.74 14.73 18.55
C ARG B 24 -0.16 15.40 19.58
N PHE B 25 -1.13 14.66 20.12
CA PHE B 25 -2.00 15.16 21.19
C PHE B 25 -1.23 15.43 22.47
N GLU B 26 -0.35 14.51 22.83
CA GLU B 26 0.48 14.64 24.03
C GLU B 26 1.38 15.86 23.91
N SER B 27 1.88 16.12 22.70
CA SER B 27 2.65 17.32 22.41
C SER B 27 1.79 18.58 22.49
N PHE B 28 0.55 18.50 22.02
CA PHE B 28 -0.43 19.60 22.15
C PHE B 28 -0.70 19.91 23.62
N LEU B 29 -0.98 18.87 24.41
CA LEU B 29 -1.21 18.99 25.84
C LEU B 29 -0.01 19.65 26.53
N LYS B 30 1.19 19.23 26.15
CA LYS B 30 2.43 19.70 26.77
C LYS B 30 2.70 21.19 26.47
N ASN B 31 2.33 21.63 25.26
CA ASN B 31 2.52 23.02 24.87
C ASN B 31 1.33 23.94 25.18
N HIS B 32 0.34 23.41 25.90
CA HIS B 32 -0.86 24.17 26.21
C HIS B 32 -0.59 25.14 27.37
N HIS B 33 -0.69 26.42 27.07
CA HIS B 33 -0.39 27.47 28.05
C HIS B 33 -1.61 28.35 28.32
N LEU B 34 -1.95 28.49 29.60
CA LEU B 34 -2.88 29.50 30.06
C LEU B 34 -2.12 30.53 30.89
N HIS B 35 -2.34 31.80 30.58
CA HIS B 35 -1.63 32.87 31.26
C HIS B 35 -2.52 33.56 32.29
N LEU B 36 -2.06 33.58 33.53
CA LEU B 36 -2.76 34.25 34.63
C LEU B 36 -1.97 35.43 35.15
N GLU B 37 -2.45 36.64 34.89
CA GLU B 37 -1.85 37.83 35.47
C GLU B 37 -2.47 38.08 36.85
N SER B 38 -1.75 37.64 37.89
CA SER B 38 -2.16 37.83 39.27
C SER B 38 -0.95 37.91 40.19
N PHE B 39 -1.17 38.40 41.41
CA PHE B 39 -0.12 38.38 42.43
C PHE B 39 -0.21 37.14 43.34
N HIS B 40 -0.61 36.01 42.76
CA HIS B 40 -0.54 34.70 43.41
C HIS B 40 0.75 34.04 42.92
N PRO B 41 1.58 33.54 43.85
CA PRO B 41 2.92 33.06 43.51
C PRO B 41 2.98 31.74 42.74
N TYR B 42 1.97 30.89 42.89
CA TYR B 42 2.07 29.54 42.31
C TYR B 42 0.85 29.01 41.52
N LEU B 43 -0.28 29.70 41.62
CA LEU B 43 -1.54 29.23 41.04
C LEU B 43 -1.48 28.97 39.54
N GLU B 44 -0.78 29.83 38.81
CA GLU B 44 -0.62 29.68 37.37
C GLU B 44 0.00 28.34 36.98
N LYS B 45 1.07 27.96 37.69
CA LYS B 45 1.76 26.70 37.40
C LYS B 45 1.01 25.50 37.97
N ALA B 46 0.36 25.71 39.11
CA ALA B 46 -0.34 24.65 39.84
C ALA B 46 -1.66 24.21 39.23
N PHE B 47 -2.21 25.07 38.37
CA PHE B 47 -3.47 24.79 37.69
C PHE B 47 -3.36 23.59 36.75
N PHE B 48 -2.31 23.61 35.93
CA PHE B 48 -2.12 22.62 34.88
C PHE B 48 -1.05 21.60 35.24
N GLU B 49 -0.61 21.62 36.50
CA GLU B 49 0.47 20.78 36.98
C GLU B 49 0.13 19.30 36.91
N MET B 50 -0.99 18.89 37.49
CA MET B 50 -1.42 17.50 37.48
C MET B 50 -1.69 16.93 36.10
N VAL B 51 -2.09 17.81 35.17
CA VAL B 51 -2.28 17.43 33.78
C VAL B 51 -0.93 17.10 33.15
N LEU B 52 0.05 17.98 33.36
CA LEU B 52 1.39 17.83 32.79
C LEU B 52 2.23 16.71 33.42
N ASN B 53 1.87 16.32 34.65
CA ASN B 53 2.63 15.33 35.44
C ASN B 53 2.76 13.96 34.79
N GLY B 54 1.76 13.59 34.00
CA GLY B 54 1.76 12.31 33.32
C GLY B 54 0.34 11.81 33.13
N GLY B 55 0.20 10.49 33.02
CA GLY B 55 -1.09 9.84 32.79
C GLY B 55 -1.08 9.10 31.46
N LYS B 56 -1.80 7.99 31.40
CA LYS B 56 -1.88 7.17 30.18
C LYS B 56 -2.61 7.84 29.01
N ARG B 57 -3.47 8.82 29.29
CA ARG B 57 -4.30 9.52 28.30
C ARG B 57 -5.34 8.59 27.69
N PHE B 58 -5.83 7.63 28.48
CA PHE B 58 -6.73 6.58 27.99
C PHE B 58 -8.01 7.15 27.38
N ARG B 59 -8.56 8.18 28.02
CA ARG B 59 -9.80 8.79 27.58
C ARG B 59 -9.66 9.65 26.30
N PRO B 60 -8.60 10.47 26.18
CA PRO B 60 -8.34 11.04 24.85
C PRO B 60 -8.03 9.99 23.77
N LYS B 61 -7.42 8.87 24.16
CA LYS B 61 -7.11 7.82 23.22
C LYS B 61 -8.36 7.10 22.70
N LEU B 62 -9.37 6.97 23.56
CA LEU B 62 -10.65 6.40 23.13
C LEU B 62 -11.36 7.33 22.17
N PHE B 63 -11.29 8.62 22.47
CA PHE B 63 -11.90 9.67 21.65
C PHE B 63 -11.25 9.73 20.26
N LEU B 64 -9.91 9.70 20.24
CA LEU B 64 -9.18 9.77 18.98
C LEU B 64 -9.29 8.48 18.17
N ALA B 65 -9.37 7.33 18.85
CA ALA B 65 -9.55 6.05 18.15
C ALA B 65 -10.80 6.03 17.28
N VAL B 66 -11.87 6.62 17.79
CA VAL B 66 -13.13 6.69 17.08
C VAL B 66 -13.03 7.69 15.92
N LEU B 67 -12.53 8.87 16.25
CA LEU B 67 -12.44 9.98 15.32
C LEU B 67 -11.49 9.74 14.14
N CYS B 68 -10.30 9.22 14.42
CA CYS B 68 -9.31 8.98 13.36
C CYS B 68 -9.77 7.89 12.38
N ALA B 69 -10.56 6.95 12.90
CA ALA B 69 -11.13 5.89 12.07
C ALA B 69 -12.26 6.37 11.19
N LEU B 70 -13.10 7.27 11.73
CA LEU B 70 -14.33 7.67 11.06
C LEU B 70 -14.19 8.86 10.11
N VAL B 71 -13.20 9.72 10.38
CA VAL B 71 -12.93 10.86 9.51
C VAL B 71 -11.77 10.51 8.59
N GLY B 72 -11.90 10.88 7.31
CA GLY B 72 -10.82 10.78 6.34
C GLY B 72 -9.68 11.71 6.73
N GLN B 73 -8.45 11.20 6.62
CA GLN B 73 -7.24 11.88 7.11
C GLN B 73 -7.00 13.28 6.52
N LYS B 74 -7.66 13.56 5.39
CA LYS B 74 -7.63 14.88 4.78
C LYS B 74 -8.56 15.86 5.49
N ASP B 75 -9.78 15.41 5.78
CA ASP B 75 -10.77 16.23 6.50
C ASP B 75 -10.41 16.41 7.98
N TYR B 76 -9.67 15.42 8.50
CA TYR B 76 -9.15 15.43 9.86
C TYR B 76 -8.14 16.55 10.07
N SER B 77 -7.23 16.72 9.10
CA SER B 77 -6.11 17.65 9.21
C SER B 77 -6.53 19.11 9.34
N ASN B 78 -7.67 19.46 8.76
CA ASN B 78 -8.21 20.82 8.83
C ASN B 78 -8.60 21.23 10.24
N GLN B 79 -9.08 20.27 11.01
CA GLN B 79 -9.64 20.53 12.32
C GLN B 79 -8.96 19.77 13.46
N GLN B 80 -7.74 19.31 13.21
CA GLN B 80 -6.95 18.56 14.20
C GLN B 80 -6.81 19.29 15.53
N THR B 81 -6.53 20.59 15.46
CA THR B 81 -6.35 21.41 16.66
C THR B 81 -7.62 21.44 17.51
N GLU B 82 -8.76 21.50 16.84
CA GLU B 82 -10.07 21.54 17.51
C GLU B 82 -10.39 20.21 18.18
N TYR B 83 -10.06 19.10 17.51
CA TYR B 83 -10.26 17.78 18.07
C TYR B 83 -9.39 17.54 19.29
N PHE B 84 -8.20 18.14 19.29
CA PHE B 84 -7.26 18.07 20.40
C PHE B 84 -7.76 18.85 21.61
N LYS B 85 -8.41 19.99 21.37
CA LYS B 85 -9.01 20.79 22.44
C LYS B 85 -10.11 19.99 23.13
N ILE B 86 -10.89 19.26 22.35
CA ILE B 86 -11.97 18.42 22.85
C ILE B 86 -11.41 17.26 23.67
N ALA B 87 -10.35 16.63 23.14
CA ALA B 87 -9.69 15.54 23.84
C ALA B 87 -9.04 16.04 25.14
N LEU B 88 -8.43 17.22 25.09
CA LEU B 88 -7.88 17.87 26.28
C LEU B 88 -8.94 18.13 27.34
N SER B 89 -10.13 18.51 26.89
CA SER B 89 -11.24 18.81 27.78
C SER B 89 -11.66 17.57 28.55
N ILE B 90 -11.70 16.43 27.86
CA ILE B 90 -12.01 15.15 28.49
C ILE B 90 -10.93 14.83 29.52
N GLU B 91 -9.69 15.15 29.18
CA GLU B 91 -8.55 14.88 30.04
C GLU B 91 -8.53 15.78 31.27
N CYS B 92 -8.87 17.05 31.09
CA CYS B 92 -9.02 18.00 32.20
C CYS B 92 -10.11 17.60 33.21
N LEU B 93 -11.23 17.10 32.71
CA LEU B 93 -12.30 16.66 33.61
C LEU B 93 -11.88 15.40 34.34
N HIS B 94 -11.15 14.53 33.65
CA HIS B 94 -10.61 13.34 34.29
C HIS B 94 -9.63 13.72 35.38
N THR B 95 -8.69 14.62 35.05
CA THR B 95 -7.67 15.09 35.99
C THR B 95 -8.29 15.73 37.23
N TYR B 96 -9.32 16.56 37.05
CA TYR B 96 -9.99 17.21 38.17
C TYR B 96 -10.49 16.16 39.14
N SER B 97 -11.08 15.10 38.59
CA SER B 97 -11.67 14.03 39.40
C SER B 97 -10.62 13.29 40.22
N LEU B 98 -9.39 13.20 39.69
CA LEU B 98 -8.28 12.58 40.41
C LEU B 98 -7.87 13.45 41.60
N ILE B 99 -7.71 14.74 41.33
CA ILE B 99 -7.35 15.74 42.36
C ILE B 99 -8.33 15.73 43.53
N HIS B 100 -9.62 15.68 43.25
CA HIS B 100 -10.64 15.59 44.31
C HIS B 100 -10.73 14.20 44.94
N ASP B 101 -10.31 13.18 44.18
CA ASP B 101 -10.27 11.82 44.68
C ASP B 101 -9.15 11.67 45.70
N ASP B 102 -7.98 12.24 45.38
CA ASP B 102 -6.79 12.19 46.23
C ASP B 102 -6.90 12.97 47.55
N LEU B 103 -7.89 13.86 47.64
CA LEU B 103 -8.12 14.73 48.81
C LEU B 103 -8.09 13.99 50.15
N PRO B 104 -7.54 14.63 51.20
CA PRO B 104 -7.45 14.07 52.55
C PRO B 104 -8.76 13.53 53.09
N CYS B 105 -9.86 14.23 52.82
CA CYS B 105 -11.19 13.78 53.25
C CYS B 105 -11.76 12.65 52.37
N MET B 106 -11.04 12.30 51.30
CA MET B 106 -11.49 11.26 50.38
C MET B 106 -10.60 10.01 50.41
N ASP B 107 -9.56 9.95 49.58
CA ASP B 107 -8.67 8.79 49.54
C ASP B 107 -7.32 9.03 50.22
N ASN B 108 -7.02 10.31 50.49
CA ASN B 108 -5.85 10.74 51.25
C ASN B 108 -4.51 10.32 50.62
N ALA B 109 -4.43 10.41 49.30
CA ALA B 109 -3.23 10.02 48.58
C ALA B 109 -2.21 11.14 48.58
N ALA B 110 -0.94 10.79 48.76
CA ALA B 110 0.13 11.76 48.79
C ALA B 110 0.88 11.84 47.45
N LEU B 111 0.62 10.85 46.58
CA LEU B 111 1.31 10.73 45.30
C LEU B 111 0.36 10.38 44.15
N ARG B 112 0.56 11.03 43.00
CA ARG B 112 -0.06 10.63 41.73
C ARG B 112 0.73 11.12 40.51
N ARG B 113 0.79 10.27 39.49
CA ARG B 113 1.49 10.52 38.22
C ARG B 113 2.99 10.78 38.39
N ASN B 114 3.59 9.99 39.30
CA ASN B 114 5.00 10.09 39.72
C ASN B 114 5.40 11.45 40.29
N HIS B 115 4.46 12.06 41.02
CA HIS B 115 4.58 13.43 41.52
C HIS B 115 3.74 13.58 42.80
N PRO B 116 4.07 14.57 43.65
CA PRO B 116 3.22 14.78 44.83
C PRO B 116 1.84 15.33 44.46
N THR B 117 0.82 15.01 45.26
CA THR B 117 -0.51 15.57 45.10
C THR B 117 -0.52 17.06 45.43
N LEU B 118 -1.55 17.78 44.95
CA LEU B 118 -1.63 19.23 45.10
C LEU B 118 -1.82 19.65 46.55
N HIS B 119 -2.55 18.85 47.32
CA HIS B 119 -2.71 19.13 48.74
C HIS B 119 -1.47 18.79 49.57
N ALA B 120 -0.59 17.95 49.02
CA ALA B 120 0.69 17.66 49.64
C ALA B 120 1.71 18.74 49.32
N LYS B 121 1.85 19.07 48.03
CA LYS B 121 2.83 20.08 47.59
C LYS B 121 2.45 21.49 48.06
N TYR B 122 1.14 21.76 48.12
CA TYR B 122 0.64 23.08 48.49
C TYR B 122 -0.22 22.95 49.74
N ASP B 123 -1.55 23.01 49.57
CA ASP B 123 -2.48 22.76 50.69
C ASP B 123 -3.84 22.25 50.20
N GLU B 124 -4.68 21.87 51.15
CA GLU B 124 -5.99 21.28 50.89
C GLU B 124 -6.89 22.21 50.09
N THR B 125 -6.84 23.49 50.43
CA THR B 125 -7.67 24.52 49.80
C THR B 125 -7.35 24.66 48.31
N THR B 126 -6.05 24.73 48.00
CA THR B 126 -5.53 24.84 46.64
C THR B 126 -5.93 23.64 45.78
N ALA B 127 -6.00 22.46 46.39
CA ALA B 127 -6.39 21.24 45.68
C ALA B 127 -7.89 21.23 45.37
N VAL B 128 -8.70 21.66 46.34
CA VAL B 128 -10.14 21.79 46.10
C VAL B 128 -10.40 22.77 44.94
N LEU B 129 -9.77 23.94 44.98
CA LEU B 129 -10.00 24.99 44.00
C LEU B 129 -9.45 24.72 42.61
N ILE B 130 -8.35 23.98 42.51
CA ILE B 130 -7.78 23.68 41.19
C ILE B 130 -8.53 22.54 40.53
N GLY B 131 -8.96 21.58 41.35
CA GLY B 131 -9.93 20.60 40.92
C GLY B 131 -11.18 21.29 40.41
N ASP B 132 -11.69 22.24 41.18
CA ASP B 132 -12.83 23.08 40.78
C ASP B 132 -12.62 23.75 39.43
N ALA B 133 -11.44 24.34 39.26
CA ALA B 133 -11.07 25.06 38.07
C ALA B 133 -11.04 24.16 36.83
N LEU B 134 -10.53 22.95 37.00
CA LEU B 134 -10.36 22.03 35.87
C LEU B 134 -11.69 21.43 35.42
N ASN B 135 -12.62 21.28 36.38
CA ASN B 135 -14.00 20.91 36.07
C ASN B 135 -14.59 21.96 35.12
N THR B 136 -14.49 23.22 35.52
CA THR B 136 -15.06 24.32 34.75
C THR B 136 -14.31 24.57 33.43
N TYR B 137 -12.99 24.35 33.44
CA TYR B 137 -12.14 24.58 32.28
C TYR B 137 -12.40 23.59 31.14
N SER B 138 -12.81 22.37 31.50
CA SER B 138 -13.27 21.38 30.54
C SER B 138 -14.29 21.98 29.61
N PHE B 139 -15.27 22.66 30.18
CA PHE B 139 -16.36 23.21 29.42
C PHE B 139 -15.94 24.48 28.69
N GLU B 140 -14.94 25.20 29.23
CA GLU B 140 -14.31 26.30 28.50
C GLU B 140 -13.62 25.82 27.23
N LEU B 141 -12.83 24.76 27.35
CA LEU B 141 -12.06 24.23 26.22
C LEU B 141 -12.99 23.75 25.13
N LEU B 142 -14.03 23.03 25.54
CA LEU B 142 -15.00 22.45 24.65
C LEU B 142 -15.74 23.55 23.86
N SER B 143 -16.12 24.62 24.56
CA SER B 143 -16.87 25.71 23.94
C SER B 143 -15.99 26.64 23.10
N ASN B 144 -14.68 26.47 23.18
CA ASN B 144 -13.76 27.22 22.34
C ASN B 144 -13.19 26.43 21.16
N ALA B 145 -13.64 25.18 21.03
CA ALA B 145 -13.26 24.33 19.91
C ALA B 145 -14.11 24.69 18.68
N LEU B 146 -13.43 24.99 17.58
CA LEU B 146 -14.08 25.50 16.37
C LEU B 146 -14.61 24.38 15.48
N LEU B 147 -15.59 23.64 16.00
CA LEU B 147 -16.42 22.75 15.19
C LEU B 147 -17.73 23.47 15.06
N GLU B 148 -18.69 22.87 14.35
CA GLU B 148 -20.02 23.47 14.23
C GLU B 148 -20.65 23.58 15.60
N SER B 149 -21.38 24.68 15.79
CA SER B 149 -22.08 24.97 17.04
C SER B 149 -22.90 23.82 17.63
N HIS B 150 -23.67 23.13 16.78
CA HIS B 150 -24.56 22.08 17.26
C HIS B 150 -23.79 20.85 17.72
N ILE B 151 -22.62 20.63 17.13
CA ILE B 151 -21.74 19.53 17.54
C ILE B 151 -21.14 19.82 18.92
N ILE B 152 -20.67 21.05 19.11
CA ILE B 152 -20.14 21.49 20.38
C ILE B 152 -21.17 21.36 21.51
N VAL B 153 -22.38 21.88 21.27
CA VAL B 153 -23.49 21.74 22.21
C VAL B 153 -23.71 20.27 22.61
N GLU B 154 -23.70 19.37 21.62
CA GLU B 154 -23.89 17.95 21.88
C GLU B 154 -22.75 17.33 22.68
N LEU B 155 -21.53 17.79 22.44
CA LEU B 155 -20.36 17.29 23.17
C LEU B 155 -20.43 17.69 24.63
N ILE B 156 -20.84 18.94 24.88
CA ILE B 156 -21.05 19.45 26.23
C ILE B 156 -22.18 18.70 26.94
N LYS B 157 -23.26 18.39 26.22
CA LYS B 157 -24.32 17.56 26.78
C LYS B 157 -23.78 16.22 27.28
N ILE B 158 -22.93 15.58 26.49
CA ILE B 158 -22.39 14.27 26.84
C ILE B 158 -21.40 14.35 28.01
N LEU B 159 -20.42 15.25 27.92
CA LEU B 159 -19.43 15.40 28.97
C LEU B 159 -20.06 15.75 30.32
N SER B 160 -21.02 16.67 30.33
CA SER B 160 -21.65 17.11 31.55
C SER B 160 -22.56 16.06 32.18
N ALA B 161 -23.37 15.38 31.37
CA ALA B 161 -24.24 14.32 31.88
C ALA B 161 -23.46 13.15 32.49
N ASN B 162 -22.37 12.75 31.84
CA ASN B 162 -21.64 11.55 32.24
C ASN B 162 -20.64 11.81 33.35
N GLY B 163 -20.16 13.04 33.43
CA GLY B 163 -19.19 13.42 34.45
C GLY B 163 -19.83 14.02 35.69
N GLY B 164 -21.15 14.18 35.67
CA GLY B 164 -21.87 14.83 36.75
C GLY B 164 -22.63 13.87 37.64
N ILE B 165 -23.67 14.40 38.28
CA ILE B 165 -24.41 13.74 39.34
C ILE B 165 -25.04 12.38 38.95
N LYS B 166 -25.45 12.24 37.69
CA LYS B 166 -26.04 10.98 37.21
C LYS B 166 -24.98 9.96 36.79
N GLY B 167 -23.73 10.40 36.72
CA GLY B 167 -22.66 9.55 36.23
C GLY B 167 -21.50 9.38 37.19
N MET B 168 -20.39 10.01 36.86
CA MET B 168 -19.13 9.87 37.57
C MET B 168 -19.21 10.24 39.05
N ILE B 169 -19.98 11.28 39.37
CA ILE B 169 -20.07 11.77 40.75
C ILE B 169 -20.87 10.83 41.66
N LEU B 170 -21.94 10.24 41.13
CA LEU B 170 -22.67 9.18 41.81
C LEU B 170 -21.76 8.01 42.19
N GLY B 171 -20.85 7.65 41.28
CA GLY B 171 -19.91 6.58 41.54
C GLY B 171 -18.93 6.90 42.67
N GLN B 172 -18.47 8.14 42.70
CA GLN B 172 -17.61 8.60 43.77
C GLN B 172 -18.36 8.70 45.10
N ALA B 173 -19.62 9.10 45.04
CA ALA B 173 -20.46 9.24 46.24
C ALA B 173 -20.78 7.90 46.85
N LEU B 174 -21.03 6.90 46.00
CA LEU B 174 -21.28 5.53 46.46
C LEU B 174 -20.02 4.90 47.06
N ASP B 175 -18.87 5.20 46.46
CA ASP B 175 -17.58 4.67 46.91
C ASP B 175 -17.24 5.13 48.32
N CYS B 176 -17.65 6.34 48.67
CA CYS B 176 -17.37 6.92 49.98
C CYS B 176 -18.42 6.56 51.02
N TYR B 177 -19.69 6.52 50.63
CA TYR B 177 -20.77 6.18 51.55
C TYR B 177 -20.70 4.71 51.99
N PHE B 178 -20.43 3.82 51.05
CA PHE B 178 -20.37 2.38 51.33
C PHE B 178 -18.95 1.87 51.52
N GLU B 179 -18.04 2.71 52.00
CA GLU B 179 -16.64 2.30 52.18
C GLU B 179 -16.42 1.32 53.34
N ASN B 180 -17.40 1.19 54.23
CA ASN B 180 -17.35 0.22 55.32
C ASN B 180 -18.36 -0.90 55.16
N THR B 181 -19.08 -0.87 54.05
CA THR B 181 -20.06 -1.90 53.71
C THR B 181 -19.47 -2.82 52.65
N PRO B 182 -19.50 -4.15 52.87
CA PRO B 182 -19.03 -5.04 51.82
C PRO B 182 -20.11 -5.28 50.76
N LEU B 183 -19.79 -4.94 49.51
CA LEU B 183 -20.75 -5.02 48.43
C LEU B 183 -20.52 -6.28 47.61
N ASN B 184 -21.60 -6.88 47.12
CA ASN B 184 -21.51 -8.05 46.23
C ASN B 184 -21.04 -7.66 44.83
N LEU B 185 -20.84 -8.66 43.97
CA LEU B 185 -20.33 -8.47 42.61
C LEU B 185 -21.18 -7.52 41.76
N GLU B 186 -22.49 -7.67 41.85
CA GLU B 186 -23.45 -6.83 41.14
C GLU B 186 -23.37 -5.36 41.58
N GLN B 187 -23.37 -5.14 42.89
CA GLN B 187 -23.33 -3.78 43.47
C GLN B 187 -22.03 -3.08 43.17
N LEU B 188 -20.93 -3.82 43.24
CA LEU B 188 -19.61 -3.30 42.93
C LEU B 188 -19.49 -2.95 41.45
N THR B 189 -20.14 -3.75 40.60
CA THR B 189 -20.23 -3.49 39.16
C THR B 189 -20.97 -2.18 38.90
N PHE B 190 -22.13 -2.02 39.53
CA PHE B 190 -22.95 -0.81 39.43
C PHE B 190 -22.15 0.43 39.80
N LEU B 191 -21.40 0.33 40.89
CA LEU B 191 -20.60 1.43 41.39
C LEU B 191 -19.55 1.83 40.37
N HIS B 192 -18.87 0.85 39.78
CA HIS B 192 -17.80 1.11 38.82
C HIS B 192 -18.29 1.55 37.44
N GLU B 193 -19.51 1.16 37.08
CA GLU B 193 -20.16 1.66 35.87
C GLU B 193 -20.24 3.18 35.90
N HIS B 194 -20.50 3.69 37.09
CA HIS B 194 -20.65 5.11 37.30
C HIS B 194 -19.32 5.79 37.57
N LYS B 195 -18.55 5.25 38.49
CA LYS B 195 -17.27 5.81 38.90
C LYS B 195 -16.27 5.90 37.77
N THR B 196 -16.29 4.89 36.89
CA THR B 196 -15.23 4.75 35.89
C THR B 196 -15.73 4.65 34.44
N ALA B 197 -16.75 3.82 34.22
CA ALA B 197 -17.17 3.51 32.86
C ALA B 197 -17.86 4.66 32.17
N LYS B 198 -18.54 5.49 32.96
CA LYS B 198 -19.36 6.57 32.44
C LYS B 198 -18.53 7.57 31.62
N LEU B 199 -17.34 7.90 32.10
CA LEU B 199 -16.48 8.83 31.39
C LEU B 199 -15.74 8.14 30.23
N ILE B 200 -15.57 6.84 30.33
CA ILE B 200 -14.96 6.03 29.28
C ILE B 200 -15.95 5.89 28.11
N SER B 201 -17.19 5.59 28.44
CA SER B 201 -18.29 5.53 27.50
C SER B 201 -18.53 6.89 26.83
N ALA B 202 -18.39 7.97 27.61
CA ALA B 202 -18.53 9.34 27.09
C ALA B 202 -17.46 9.68 26.06
N SER B 203 -16.23 9.22 26.30
CA SER B 203 -15.12 9.48 25.40
C SER B 203 -15.37 8.90 24.01
N LEU B 204 -15.93 7.69 23.98
CA LEU B 204 -16.22 6.99 22.74
C LEU B 204 -17.34 7.67 21.94
N ILE B 205 -18.47 7.97 22.58
CA ILE B 205 -19.57 8.63 21.87
C ILE B 205 -19.26 10.08 21.50
N MET B 206 -18.41 10.75 22.27
CA MET B 206 -17.94 12.08 21.91
C MET B 206 -17.11 12.02 20.60
N GLY B 207 -16.39 10.92 20.40
CA GLY B 207 -15.64 10.68 19.17
C GLY B 207 -16.53 10.63 17.93
N LEU B 208 -17.65 9.91 18.06
CA LEU B 208 -18.62 9.80 16.99
C LEU B 208 -19.29 11.15 16.71
N VAL B 209 -19.70 11.84 17.76
CA VAL B 209 -20.36 13.14 17.63
C VAL B 209 -19.45 14.16 16.94
N ALA B 210 -18.19 14.24 17.38
CA ALA B 210 -17.22 15.15 16.76
C ALA B 210 -16.87 14.83 15.29
N SER B 211 -17.03 13.57 14.91
CA SER B 211 -16.79 13.14 13.52
C SER B 211 -17.82 13.68 12.53
N GLY B 212 -19.04 13.92 13.00
CA GLY B 212 -20.11 14.41 12.14
C GLY B 212 -20.99 13.30 11.59
N ILE B 213 -20.51 12.07 11.70
CA ILE B 213 -21.22 10.88 11.23
C ILE B 213 -22.46 10.58 12.06
N LYS B 214 -23.59 10.44 11.37
CA LYS B 214 -24.86 10.09 12.00
C LYS B 214 -25.10 8.60 11.83
N ASP B 215 -25.06 7.86 12.94
CA ASP B 215 -25.32 6.42 12.95
C ASP B 215 -25.76 6.02 14.34
N GLU B 216 -27.07 5.91 14.52
CA GLU B 216 -27.69 5.59 15.81
C GLU B 216 -27.30 4.21 16.33
N GLU B 217 -27.16 3.25 15.42
CA GLU B 217 -26.78 1.91 15.78
C GLU B 217 -25.34 1.85 16.28
N LEU B 218 -24.46 2.64 15.67
CA LEU B 218 -23.07 2.73 16.11
C LEU B 218 -22.94 3.45 17.46
N PHE B 219 -23.70 4.54 17.62
CA PHE B 219 -23.83 5.26 18.90
C PHE B 219 -24.14 4.31 20.05
N LYS B 220 -25.19 3.51 19.88
CA LYS B 220 -25.62 2.55 20.89
C LYS B 220 -24.61 1.44 21.10
N TRP B 221 -23.92 1.05 20.03
CA TRP B 221 -22.88 0.05 20.14
C TRP B 221 -21.71 0.57 21.00
N LEU B 222 -21.31 1.81 20.77
CA LEU B 222 -20.17 2.43 21.45
C LEU B 222 -20.48 2.69 22.92
N GLN B 223 -21.73 3.08 23.17
CA GLN B 223 -22.25 3.26 24.52
C GLN B 223 -22.11 1.95 25.33
N ALA B 224 -22.64 0.86 24.78
CA ALA B 224 -22.58 -0.47 25.40
C ALA B 224 -21.16 -1.00 25.52
N PHE B 225 -20.33 -0.69 24.52
CA PHE B 225 -18.93 -1.11 24.52
C PHE B 225 -18.15 -0.39 25.61
N GLY B 226 -18.47 0.87 25.82
CA GLY B 226 -17.82 1.69 26.84
C GLY B 226 -18.11 1.24 28.26
N LEU B 227 -19.32 0.73 28.47
CA LEU B 227 -19.73 0.15 29.73
C LEU B 227 -18.84 -1.06 30.07
N LYS B 228 -18.64 -1.93 29.08
CA LYS B 228 -17.81 -3.11 29.25
C LYS B 228 -16.33 -2.78 29.36
N MET B 229 -15.82 -1.92 28.48
CA MET B 229 -14.43 -1.45 28.54
C MET B 229 -14.12 -0.80 29.85
N GLY B 230 -15.09 -0.04 30.37
CA GLY B 230 -14.90 0.74 31.58
C GLY B 230 -14.77 -0.13 32.80
N LEU B 231 -15.60 -1.16 32.85
CA LEU B 231 -15.56 -2.17 33.90
C LEU B 231 -14.22 -2.89 33.87
N CYS B 232 -13.83 -3.27 32.66
CA CYS B 232 -12.56 -3.93 32.39
C CYS B 232 -11.35 -3.11 32.84
N PHE B 233 -11.42 -1.79 32.59
CA PHE B 233 -10.38 -0.86 33.00
C PHE B 233 -10.26 -0.78 34.52
N GLN B 234 -11.42 -0.80 35.20
CA GLN B 234 -11.45 -0.69 36.66
C GLN B 234 -10.98 -1.95 37.38
N VAL B 235 -11.36 -3.13 36.88
CA VAL B 235 -10.89 -4.40 37.43
C VAL B 235 -9.36 -4.44 37.33
N LEU B 236 -8.84 -4.07 36.17
CA LEU B 236 -7.39 -4.02 35.96
C LEU B 236 -6.70 -2.96 36.82
N ASP B 237 -7.42 -1.91 37.17
CA ASP B 237 -6.88 -0.86 38.05
C ASP B 237 -6.80 -1.33 39.50
N ASP B 238 -7.82 -2.08 39.94
CA ASP B 238 -7.83 -2.70 41.26
C ASP B 238 -6.68 -3.70 41.39
N ILE B 239 -6.42 -4.43 40.31
CA ILE B 239 -5.30 -5.36 40.20
C ILE B 239 -3.95 -4.62 40.29
N ILE B 240 -3.84 -3.51 39.56
CA ILE B 240 -2.66 -2.63 39.55
C ILE B 240 -2.22 -2.20 40.96
N ASP B 241 -3.20 -1.93 41.83
CA ASP B 241 -2.98 -1.51 43.21
C ASP B 241 -2.20 -2.52 44.07
N VAL B 242 -2.42 -3.81 43.82
CA VAL B 242 -1.78 -4.87 44.58
C VAL B 242 -0.53 -5.42 43.88
N THR B 243 -0.57 -5.50 42.55
CA THR B 243 0.53 -6.04 41.75
C THR B 243 1.74 -5.09 41.66
N GLN B 244 1.52 -3.79 41.85
CA GLN B 244 2.57 -2.81 41.61
C GLN B 244 2.92 -1.92 42.80
N ASP B 245 4.16 -1.44 42.81
CA ASP B 245 4.64 -0.49 43.82
C ASP B 245 4.49 0.96 43.34
N GLU B 246 4.67 1.91 44.24
CA GLU B 246 4.41 3.34 43.99
C GLU B 246 5.29 4.01 42.92
N GLU B 247 6.40 3.37 42.57
CA GLU B 247 7.28 3.87 41.53
C GLU B 247 6.98 3.24 40.17
N GLU B 248 6.03 2.32 40.15
CA GLU B 248 5.57 1.69 38.91
C GLU B 248 4.18 2.17 38.51
N SER B 249 3.26 2.18 39.48
CA SER B 249 1.89 2.67 39.26
C SER B 249 1.81 4.19 39.19
N GLY B 250 2.76 4.86 39.83
CA GLY B 250 2.84 6.33 39.82
C GLY B 250 2.00 6.99 40.90
N LYS B 251 1.26 6.19 41.67
CA LYS B 251 0.30 6.69 42.64
C LYS B 251 0.34 5.89 43.95
N THR B 252 -0.27 6.46 44.99
CA THR B 252 -0.29 5.88 46.34
C THR B 252 -1.10 4.58 46.41
N THR B 253 -0.49 3.55 46.97
CA THR B 253 -1.14 2.27 47.29
C THR B 253 -2.13 2.49 48.45
N HIS B 254 -3.33 1.92 48.31
N HIS B 254 -3.33 1.93 48.32
CA HIS B 254 -4.39 2.07 49.32
CA HIS B 254 -4.39 2.13 49.31
C HIS B 254 -4.12 1.27 50.59
C HIS B 254 -4.20 1.21 50.53
N LEU B 255 -4.97 1.46 51.58
CA LEU B 255 -4.92 0.70 52.85
C LEU B 255 -5.47 -0.73 52.64
N ASP B 256 -4.86 -1.68 53.35
CA ASP B 256 -5.04 -3.14 53.15
C ASP B 256 -6.45 -3.62 52.76
N SER B 257 -7.44 -3.27 53.59
CA SER B 257 -8.83 -3.58 53.30
C SER B 257 -9.70 -2.39 53.70
N ALA B 258 -9.40 -1.23 53.12
CA ALA B 258 -10.09 0.01 53.44
C ALA B 258 -11.53 0.03 52.91
N LYS B 259 -11.73 -0.47 51.70
CA LYS B 259 -13.02 -0.34 51.01
C LYS B 259 -13.30 -1.47 50.01
N ASN B 260 -14.25 -1.22 49.11
CA ASN B 260 -14.67 -2.17 48.08
C ASN B 260 -13.77 -2.14 46.85
N SER B 261 -13.38 -3.32 46.40
CA SER B 261 -12.42 -3.51 45.32
C SER B 261 -12.60 -4.93 44.81
N PHE B 262 -12.31 -5.14 43.53
CA PHE B 262 -12.44 -6.47 42.92
C PHE B 262 -11.37 -7.42 43.41
N VAL B 263 -10.20 -6.87 43.74
CA VAL B 263 -9.12 -7.60 44.37
C VAL B 263 -9.51 -8.00 45.80
N ASN B 264 -10.22 -7.12 46.50
CA ASN B 264 -10.78 -7.46 47.80
C ASN B 264 -11.82 -8.57 47.69
N LEU B 265 -12.78 -8.41 46.79
CA LEU B 265 -13.92 -9.33 46.70
C LEU B 265 -13.58 -10.71 46.13
N LEU B 266 -12.54 -10.79 45.29
CA LEU B 266 -12.24 -12.02 44.56
C LEU B 266 -10.84 -12.58 44.77
N GLY B 267 -9.93 -11.75 45.29
CA GLY B 267 -8.52 -12.14 45.40
C GLY B 267 -7.79 -11.89 44.09
N LEU B 268 -6.48 -11.67 44.17
CA LEU B 268 -5.64 -11.34 43.01
C LEU B 268 -5.80 -12.28 41.80
N GLU B 269 -5.83 -13.58 42.06
CA GLU B 269 -5.84 -14.58 40.99
C GLU B 269 -7.19 -14.65 40.26
N ARG B 270 -8.29 -14.60 41.00
CA ARG B 270 -9.62 -14.74 40.42
C ARG B 270 -10.17 -13.43 39.83
N ALA B 271 -9.64 -12.31 40.31
CA ALA B 271 -9.92 -11.00 39.70
C ALA B 271 -9.28 -10.95 38.32
N ASN B 272 -8.09 -11.55 38.19
CA ASN B 272 -7.43 -11.72 36.89
C ASN B 272 -8.27 -12.55 35.92
N ASN B 273 -8.84 -13.64 36.44
CA ASN B 273 -9.75 -14.48 35.69
C ASN B 273 -10.97 -13.71 35.24
N TYR B 274 -11.50 -12.90 36.15
CA TYR B 274 -12.65 -12.06 35.88
C TYR B 274 -12.35 -11.04 34.78
N ALA B 275 -11.14 -10.49 34.79
CA ALA B 275 -10.70 -9.53 33.78
C ALA B 275 -10.59 -10.16 32.39
N GLN B 276 -10.13 -11.42 32.36
CA GLN B 276 -10.01 -12.17 31.12
C GLN B 276 -11.36 -12.56 30.56
N THR B 277 -12.33 -12.83 31.44
CA THR B 277 -13.71 -13.12 31.07
C THR B 277 -14.35 -11.86 30.48
N LEU B 278 -14.03 -10.72 31.08
CA LEU B 278 -14.49 -9.43 30.59
C LEU B 278 -13.83 -9.08 29.26
N LYS B 279 -12.55 -9.41 29.09
CA LYS B 279 -11.86 -9.25 27.80
C LYS B 279 -12.55 -10.02 26.68
N THR B 280 -12.90 -11.27 26.96
CA THR B 280 -13.59 -12.14 26.02
C THR B 280 -14.90 -11.51 25.55
N GLU B 281 -15.68 -10.96 26.48
CA GLU B 281 -16.93 -10.26 26.16
C GLU B 281 -16.74 -8.98 25.35
N VAL B 282 -15.63 -8.29 25.61
CA VAL B 282 -15.27 -7.09 24.87
C VAL B 282 -14.89 -7.45 23.43
N LEU B 283 -14.05 -8.48 23.29
CA LEU B 283 -13.66 -9.02 21.99
C LEU B 283 -14.83 -9.53 21.14
N ASN B 284 -15.83 -10.13 21.80
CA ASN B 284 -17.06 -10.58 21.14
CA ASN B 284 -17.04 -10.58 21.12
C ASN B 284 -17.85 -9.41 20.55
N ASP B 285 -17.89 -8.30 21.29
CA ASP B 285 -18.57 -7.09 20.84
C ASP B 285 -17.79 -6.50 19.67
N LEU B 286 -16.46 -6.53 19.80
CA LEU B 286 -15.56 -5.95 18.83
C LEU B 286 -15.62 -6.70 17.48
N ASP B 287 -15.85 -8.02 17.53
CA ASP B 287 -15.97 -8.82 16.32
C ASP B 287 -17.29 -8.58 15.57
N ALA B 288 -18.30 -8.09 16.29
CA ALA B 288 -19.54 -7.67 15.67
C ALA B 288 -19.40 -6.32 14.96
N LEU B 289 -18.36 -5.57 15.33
CA LEU B 289 -18.06 -4.28 14.72
C LEU B 289 -17.28 -4.41 13.42
N LYS B 290 -16.44 -5.44 13.36
CA LYS B 290 -15.53 -5.64 12.21
C LYS B 290 -16.18 -5.58 10.81
N PRO B 291 -17.31 -6.29 10.58
CA PRO B 291 -17.95 -6.14 9.27
C PRO B 291 -18.48 -4.73 8.99
N ALA B 292 -18.99 -4.07 10.01
CA ALA B 292 -19.60 -2.75 9.85
C ALA B 292 -18.56 -1.62 9.76
N TYR B 293 -17.62 -1.58 10.70
CA TYR B 293 -16.65 -0.50 10.77
C TYR B 293 -15.26 -1.04 11.11
N PRO B 294 -14.54 -1.55 10.10
CA PRO B 294 -13.30 -2.29 10.37
C PRO B 294 -12.12 -1.42 10.81
N LEU B 295 -12.07 -0.17 10.37
CA LEU B 295 -11.00 0.73 10.80
C LEU B 295 -11.17 1.12 12.28
N LEU B 296 -12.42 1.31 12.70
CA LEU B 296 -12.77 1.57 14.09
C LEU B 296 -12.44 0.36 14.97
N GLN B 297 -12.80 -0.82 14.48
CA GLN B 297 -12.49 -2.07 15.15
C GLN B 297 -10.99 -2.20 15.40
N GLU B 298 -10.20 -1.89 14.38
CA GLU B 298 -8.74 -2.04 14.45
C GLU B 298 -8.11 -1.13 15.50
N ASN B 299 -8.53 0.14 15.53
CA ASN B 299 -8.06 1.07 16.53
C ASN B 299 -8.42 0.67 17.96
N LEU B 300 -9.69 0.33 18.17
CA LEU B 300 -10.18 -0.08 19.49
C LEU B 300 -9.58 -1.39 19.96
N ASN B 301 -9.34 -2.32 19.03
CA ASN B 301 -8.72 -3.60 19.37
C ASN B 301 -7.28 -3.40 19.83
N ALA B 302 -6.55 -2.52 19.15
CA ALA B 302 -5.17 -2.22 19.50
C ALA B 302 -5.11 -1.58 20.87
N LEU B 303 -6.06 -0.68 21.12
CA LEU B 303 -6.16 0.02 22.39
C LEU B 303 -6.46 -0.94 23.54
N LEU B 304 -7.40 -1.87 23.32
CA LEU B 304 -7.69 -2.94 24.26
C LEU B 304 -6.45 -3.80 24.58
N ASN B 305 -5.67 -4.13 23.54
CA ASN B 305 -4.46 -4.94 23.70
C ASN B 305 -3.39 -4.26 24.54
N THR B 306 -3.18 -2.97 24.32
CA THR B 306 -2.21 -2.18 25.07
C THR B 306 -2.61 -2.11 26.55
N LEU B 307 -3.92 -2.01 26.79
CA LEU B 307 -4.47 -2.01 28.12
C LEU B 307 -4.20 -3.32 28.86
N PHE B 308 -4.28 -4.44 28.14
CA PHE B 308 -4.11 -5.75 28.78
C PHE B 308 -2.68 -6.22 29.02
N LYS B 309 -1.93 -6.54 27.97
CA LYS B 309 -0.52 -6.92 28.16
C LYS B 309 0.30 -5.66 28.41
N GLY B 310 0.71 -5.51 29.68
CA GLY B 310 1.37 -4.30 30.15
C GLY B 310 0.40 -3.46 30.95
N SER C 9 -13.17 -20.14 -10.14
CA SER C 9 -12.32 -19.20 -9.33
C SER C 9 -12.51 -17.76 -9.82
N LEU C 10 -13.52 -17.10 -9.27
CA LEU C 10 -13.95 -15.76 -9.72
C LEU C 10 -13.01 -14.65 -9.21
N SER C 11 -12.52 -13.84 -10.14
CA SER C 11 -11.63 -12.72 -9.80
C SER C 11 -12.13 -11.39 -10.40
N SER C 12 -11.74 -10.28 -9.79
CA SER C 12 -12.24 -8.96 -10.15
C SER C 12 -11.55 -8.40 -11.40
N PRO C 13 -12.16 -7.38 -12.04
CA PRO C 13 -11.51 -6.61 -13.11
C PRO C 13 -10.11 -6.08 -12.77
N ASN C 14 -9.93 -5.60 -11.55
CA ASN C 14 -8.64 -5.13 -11.03
C ASN C 14 -7.55 -6.20 -11.07
N LEU C 15 -7.86 -7.38 -10.53
CA LEU C 15 -6.89 -8.48 -10.47
C LEU C 15 -6.55 -9.03 -11.85
N SER C 16 -7.55 -9.06 -12.73
CA SER C 16 -7.38 -9.52 -14.11
C SER C 16 -6.48 -8.56 -14.89
N PHE C 17 -6.64 -7.27 -14.59
CA PHE C 17 -5.84 -6.22 -15.18
C PHE C 17 -4.38 -6.34 -14.73
N TYR C 18 -4.18 -6.58 -13.44
CA TYR C 18 -2.84 -6.77 -12.89
C TYR C 18 -2.11 -7.97 -13.50
N TYR C 19 -2.80 -9.12 -13.55
CA TYR C 19 -2.21 -10.35 -14.11
C TYR C 19 -1.80 -10.18 -15.56
N ASN C 20 -2.65 -9.49 -16.33
CA ASN C 20 -2.37 -9.21 -17.73
C ASN C 20 -1.20 -8.26 -17.91
N GLU C 21 -1.09 -7.27 -17.03
CA GLU C 21 0.04 -6.34 -17.03
C GLU C 21 1.38 -7.00 -16.70
N CYS C 22 1.33 -8.04 -15.86
CA CYS C 22 2.53 -8.83 -15.55
C CYS C 22 3.04 -9.58 -16.77
N GLU C 23 2.12 -10.17 -17.53
CA GLU C 23 2.48 -10.88 -18.76
C GLU C 23 2.98 -9.93 -19.83
N ARG C 24 2.36 -8.76 -19.93
CA ARG C 24 2.78 -7.74 -20.87
C ARG C 24 4.19 -7.23 -20.55
N PHE C 25 4.51 -7.09 -19.26
CA PHE C 25 5.86 -6.70 -18.85
C PHE C 25 6.90 -7.72 -19.28
N GLU C 26 6.61 -9.00 -19.06
CA GLU C 26 7.51 -10.08 -19.45
C GLU C 26 7.78 -10.10 -20.97
N SER C 27 6.76 -9.71 -21.76
CA SER C 27 6.92 -9.52 -23.21
C SER C 27 7.82 -8.34 -23.52
N PHE C 28 7.64 -7.25 -22.78
CA PHE C 28 8.42 -6.02 -22.93
C PHE C 28 9.88 -6.32 -22.63
N LEU C 29 10.11 -7.09 -21.56
CA LEU C 29 11.44 -7.52 -21.17
C LEU C 29 12.08 -8.38 -22.27
N LYS C 30 11.31 -9.34 -22.78
CA LYS C 30 11.78 -10.26 -23.81
C LYS C 30 12.16 -9.52 -25.10
N ASN C 31 11.39 -8.49 -25.43
CA ASN C 31 11.60 -7.72 -26.66
C ASN C 31 12.55 -6.54 -26.54
N HIS C 32 13.16 -6.39 -25.37
CA HIS C 32 14.02 -5.24 -25.10
C HIS C 32 15.38 -5.43 -25.75
N HIS C 33 15.66 -4.61 -26.78
CA HIS C 33 16.90 -4.73 -27.54
C HIS C 33 17.78 -3.50 -27.36
N LEU C 34 18.94 -3.70 -26.78
CA LEU C 34 19.92 -2.64 -26.70
C LEU C 34 20.83 -2.75 -27.91
N HIS C 35 20.92 -1.67 -28.68
CA HIS C 35 21.77 -1.65 -29.85
C HIS C 35 23.14 -1.11 -29.50
N LEU C 36 24.15 -1.96 -29.76
CA LEU C 36 25.52 -1.73 -29.35
C LEU C 36 26.48 -2.13 -30.48
N GLU C 37 26.70 -1.19 -31.41
CA GLU C 37 27.58 -1.37 -32.55
C GLU C 37 29.04 -1.44 -32.12
N SER C 38 29.66 -2.62 -32.25
CA SER C 38 31.10 -2.77 -32.02
C SER C 38 31.67 -4.00 -32.71
N PHE C 39 32.97 -4.21 -32.50
CA PHE C 39 33.65 -5.38 -33.02
C PHE C 39 33.87 -6.41 -31.91
N HIS C 40 33.05 -6.33 -30.86
CA HIS C 40 32.99 -7.39 -29.86
C HIS C 40 32.07 -8.45 -30.42
N PRO C 41 32.52 -9.71 -30.42
CA PRO C 41 31.73 -10.76 -31.07
C PRO C 41 30.48 -11.22 -30.33
N TYR C 42 30.33 -10.89 -29.05
CA TYR C 42 29.14 -11.34 -28.31
C TYR C 42 28.53 -10.42 -27.24
N LEU C 43 29.19 -9.31 -26.92
CA LEU C 43 28.83 -8.48 -25.75
C LEU C 43 27.41 -7.96 -25.79
N GLU C 44 26.99 -7.45 -26.96
CA GLU C 44 25.64 -6.93 -27.16
C GLU C 44 24.56 -7.92 -26.73
N LYS C 45 24.72 -9.17 -27.17
CA LYS C 45 23.77 -10.23 -26.81
C LYS C 45 23.96 -10.72 -25.38
N ALA C 46 25.22 -10.88 -24.95
CA ALA C 46 25.51 -11.38 -23.61
C ALA C 46 25.14 -10.40 -22.47
N PHE C 47 25.01 -9.11 -22.79
CA PHE C 47 24.65 -8.08 -21.83
C PHE C 47 23.30 -8.36 -21.16
N PHE C 48 22.31 -8.73 -21.99
CA PHE C 48 20.96 -8.95 -21.53
C PHE C 48 20.65 -10.43 -21.29
N GLU C 49 21.64 -11.28 -21.55
CA GLU C 49 21.48 -12.74 -21.52
C GLU C 49 20.91 -13.29 -20.22
N MET C 50 21.48 -12.85 -19.09
CA MET C 50 21.01 -13.31 -17.77
C MET C 50 19.62 -12.83 -17.44
N VAL C 51 19.23 -11.67 -17.98
CA VAL C 51 17.88 -11.16 -17.83
C VAL C 51 16.88 -12.05 -18.58
N LEU C 52 17.22 -12.40 -19.82
CA LEU C 52 16.35 -13.22 -20.65
C LEU C 52 16.22 -14.65 -20.17
N ASN C 53 17.27 -15.17 -19.52
CA ASN C 53 17.37 -16.57 -19.14
C ASN C 53 16.26 -17.07 -18.24
N GLY C 54 15.66 -16.17 -17.47
CA GLY C 54 14.50 -16.51 -16.67
C GLY C 54 14.41 -15.68 -15.41
N GLY C 55 13.72 -16.23 -14.41
CA GLY C 55 13.46 -15.55 -13.17
C GLY C 55 11.96 -15.42 -12.93
N LYS C 56 11.57 -15.42 -11.65
CA LYS C 56 10.17 -15.30 -11.27
C LYS C 56 9.61 -13.90 -11.50
N ARG C 57 10.50 -12.91 -11.64
CA ARG C 57 10.14 -11.51 -11.85
C ARG C 57 9.42 -10.96 -10.63
N PHE C 58 9.83 -11.43 -9.44
CA PHE C 58 9.14 -11.12 -8.19
C PHE C 58 9.14 -9.61 -7.90
N ARG C 59 10.33 -9.01 -7.94
CA ARG C 59 10.48 -7.58 -7.69
C ARG C 59 9.72 -6.68 -8.67
N PRO C 60 9.77 -6.97 -10.00
CA PRO C 60 8.86 -6.20 -10.88
C PRO C 60 7.37 -6.46 -10.62
N LYS C 61 7.03 -7.67 -10.17
CA LYS C 61 5.63 -7.99 -9.84
C LYS C 61 5.15 -7.26 -8.59
N LEU C 62 6.03 -7.09 -7.61
CA LEU C 62 5.75 -6.27 -6.43
C LEU C 62 5.45 -4.85 -6.85
N PHE C 63 6.35 -4.29 -7.64
CA PHE C 63 6.23 -2.93 -8.17
C PHE C 63 4.92 -2.73 -8.90
N LEU C 64 4.59 -3.66 -9.79
CA LEU C 64 3.35 -3.57 -10.57
C LEU C 64 2.10 -3.81 -9.72
N ALA C 65 2.20 -4.64 -8.67
CA ALA C 65 1.08 -4.90 -7.77
C ALA C 65 0.59 -3.61 -7.09
N VAL C 66 1.56 -2.82 -6.64
CA VAL C 66 1.27 -1.53 -6.04
C VAL C 66 0.74 -0.53 -7.09
N LEU C 67 1.47 -0.42 -8.19
CA LEU C 67 1.18 0.60 -9.21
C LEU C 67 -0.15 0.39 -9.93
N CYS C 68 -0.44 -0.84 -10.35
CA CYS C 68 -1.69 -1.15 -11.05
C CYS C 68 -2.94 -0.91 -10.18
N ALA C 69 -2.80 -1.13 -8.88
CA ALA C 69 -3.88 -0.87 -7.93
C ALA C 69 -4.08 0.62 -7.68
N LEU C 70 -2.99 1.38 -7.62
CA LEU C 70 -3.08 2.78 -7.23
C LEU C 70 -3.52 3.75 -8.33
N VAL C 71 -3.12 3.50 -9.57
CA VAL C 71 -3.58 4.31 -10.70
C VAL C 71 -4.61 3.53 -11.54
N GLY C 72 -5.61 4.25 -12.04
CA GLY C 72 -6.68 3.64 -12.86
C GLY C 72 -6.22 3.29 -14.26
N GLN C 73 -6.85 2.25 -14.82
CA GLN C 73 -6.50 1.69 -16.14
C GLN C 73 -6.36 2.70 -17.29
N LYS C 74 -7.17 3.75 -17.28
CA LYS C 74 -7.08 4.80 -18.30
C LYS C 74 -5.86 5.70 -18.14
N ASP C 75 -5.55 6.05 -16.89
CA ASP C 75 -4.39 6.89 -16.56
C ASP C 75 -3.08 6.09 -16.72
N TYR C 76 -3.21 4.78 -16.55
CA TYR C 76 -2.11 3.84 -16.68
C TYR C 76 -1.71 3.66 -18.14
N SER C 77 -2.70 3.43 -19.00
CA SER C 77 -2.50 3.00 -20.39
C SER C 77 -1.58 3.91 -21.23
N ASN C 78 -1.64 5.21 -20.98
CA ASN C 78 -0.76 6.18 -21.65
C ASN C 78 0.71 5.99 -21.28
N GLN C 79 0.96 5.68 -20.00
CA GLN C 79 2.32 5.64 -19.48
C GLN C 79 2.83 4.21 -19.24
N GLN C 80 2.12 3.23 -19.79
CA GLN C 80 2.42 1.81 -19.61
C GLN C 80 3.90 1.47 -19.89
N THR C 81 4.39 1.90 -21.04
CA THR C 81 5.78 1.73 -21.45
C THR C 81 6.75 2.30 -20.42
N GLU C 82 6.44 3.48 -19.90
CA GLU C 82 7.30 4.14 -18.91
C GLU C 82 7.36 3.37 -17.58
N TYR C 83 6.23 2.80 -17.18
CA TYR C 83 6.16 1.97 -15.98
C TYR C 83 6.93 0.68 -16.14
N PHE C 84 6.86 0.12 -17.35
CA PHE C 84 7.62 -1.07 -17.72
C PHE C 84 9.14 -0.85 -17.65
N LYS C 85 9.61 0.35 -18.03
CA LYS C 85 11.03 0.70 -17.95
C LYS C 85 11.52 0.67 -16.51
N ILE C 86 10.69 1.21 -15.61
CA ILE C 86 10.99 1.27 -14.18
C ILE C 86 11.01 -0.13 -13.59
N ALA C 87 10.06 -0.95 -14.03
CA ALA C 87 10.02 -2.36 -13.61
C ALA C 87 11.25 -3.11 -14.11
N LEU C 88 11.65 -2.85 -15.35
CA LEU C 88 12.84 -3.45 -15.94
C LEU C 88 14.11 -2.99 -15.24
N SER C 89 14.12 -1.72 -14.82
CA SER C 89 15.22 -1.15 -14.04
C SER C 89 15.51 -1.92 -12.75
N ILE C 90 14.45 -2.33 -12.05
CA ILE C 90 14.58 -3.09 -10.80
C ILE C 90 15.15 -4.48 -11.10
N GLU C 91 14.61 -5.10 -12.15
CA GLU C 91 15.03 -6.43 -12.57
C GLU C 91 16.48 -6.44 -13.05
N CYS C 92 16.87 -5.39 -13.76
CA CYS C 92 18.27 -5.22 -14.16
C CYS C 92 19.24 -5.14 -13.00
N LEU C 93 18.89 -4.34 -11.98
CA LEU C 93 19.74 -4.26 -10.77
C LEU C 93 19.76 -5.59 -10.03
N HIS C 94 18.59 -6.21 -9.88
CA HIS C 94 18.50 -7.55 -9.29
C HIS C 94 19.37 -8.57 -10.06
N THR C 95 19.22 -8.59 -11.39
CA THR C 95 20.03 -9.47 -12.25
C THR C 95 21.54 -9.24 -12.08
N TYR C 96 21.96 -7.97 -12.06
CA TYR C 96 23.39 -7.65 -11.90
C TYR C 96 23.94 -8.26 -10.61
N SER C 97 23.14 -8.19 -9.55
CA SER C 97 23.59 -8.67 -8.24
C SER C 97 23.75 -10.19 -8.22
N LEU C 98 22.94 -10.88 -9.02
CA LEU C 98 23.04 -12.34 -9.17
C LEU C 98 24.31 -12.73 -9.89
N ILE C 99 24.61 -12.03 -10.99
CA ILE C 99 25.82 -12.26 -11.78
C ILE C 99 27.07 -12.11 -10.92
N HIS C 100 27.12 -11.05 -10.12
CA HIS C 100 28.25 -10.85 -9.20
C HIS C 100 28.25 -11.79 -8.02
N ASP C 101 27.06 -12.15 -7.54
CA ASP C 101 26.91 -13.15 -6.47
C ASP C 101 27.46 -14.52 -6.91
N ASP C 102 27.30 -14.85 -8.18
CA ASP C 102 27.70 -16.14 -8.73
C ASP C 102 29.19 -16.26 -9.03
N LEU C 103 29.89 -15.12 -9.06
CA LEU C 103 31.33 -15.05 -9.38
C LEU C 103 32.17 -16.04 -8.58
N PRO C 104 33.26 -16.55 -9.18
CA PRO C 104 34.17 -17.50 -8.52
C PRO C 104 34.70 -17.04 -7.17
N CYS C 105 35.04 -15.75 -7.05
CA CYS C 105 35.51 -15.17 -5.78
C CYS C 105 34.39 -15.06 -4.74
N MET C 106 33.14 -15.03 -5.21
CA MET C 106 31.97 -14.98 -4.35
C MET C 106 31.38 -16.38 -4.12
N ASP C 107 30.18 -16.65 -4.61
CA ASP C 107 29.54 -17.96 -4.36
C ASP C 107 29.94 -19.09 -5.32
N ASN C 108 30.68 -18.74 -6.38
CA ASN C 108 31.19 -19.70 -7.38
C ASN C 108 30.16 -20.70 -7.93
N ALA C 109 29.11 -20.18 -8.58
CA ALA C 109 28.03 -21.00 -9.13
C ALA C 109 28.16 -21.15 -10.66
N ALA C 110 28.01 -22.38 -11.15
CA ALA C 110 28.10 -22.63 -12.59
C ALA C 110 26.75 -22.49 -13.28
N LEU C 111 25.68 -22.50 -12.48
CA LEU C 111 24.32 -22.48 -13.00
C LEU C 111 23.46 -21.42 -12.32
N ARG C 112 22.75 -20.63 -13.12
CA ARG C 112 21.65 -19.79 -12.64
C ARG C 112 20.55 -19.65 -13.67
N ARG C 113 19.29 -19.69 -13.20
CA ARG C 113 18.09 -19.56 -14.03
C ARG C 113 18.06 -20.60 -15.15
N ASN C 114 18.40 -21.84 -14.79
CA ASN C 114 18.46 -23.01 -15.67
C ASN C 114 19.43 -22.86 -16.85
N HIS C 115 20.45 -22.03 -16.66
CA HIS C 115 21.40 -21.69 -17.71
C HIS C 115 22.79 -21.55 -17.10
N PRO C 116 23.84 -21.68 -17.93
CA PRO C 116 25.18 -21.49 -17.37
C PRO C 116 25.42 -20.03 -16.98
N THR C 117 26.20 -19.82 -15.93
CA THR C 117 26.56 -18.47 -15.50
C THR C 117 27.59 -17.88 -16.44
N LEU C 118 27.67 -16.55 -16.48
CA LEU C 118 28.48 -15.84 -17.48
C LEU C 118 29.98 -16.11 -17.41
N HIS C 119 30.50 -16.34 -16.21
CA HIS C 119 31.91 -16.64 -16.03
C HIS C 119 32.24 -18.10 -16.40
N ALA C 120 31.25 -18.98 -16.27
CA ALA C 120 31.42 -20.37 -16.67
C ALA C 120 31.36 -20.50 -18.19
N LYS C 121 30.41 -19.79 -18.80
CA LYS C 121 30.17 -19.84 -20.24
C LYS C 121 31.19 -19.01 -21.05
N TYR C 122 31.52 -17.83 -20.55
CA TYR C 122 32.50 -16.98 -21.23
C TYR C 122 33.80 -16.90 -20.43
N ASP C 123 33.94 -15.84 -19.64
CA ASP C 123 35.05 -15.71 -18.70
C ASP C 123 34.66 -14.75 -17.58
N GLU C 124 35.52 -14.72 -16.56
CA GLU C 124 35.31 -13.93 -15.35
C GLU C 124 35.15 -12.44 -15.63
N THR C 125 36.01 -11.89 -16.48
CA THR C 125 35.98 -10.47 -16.87
C THR C 125 34.65 -10.06 -17.51
N THR C 126 34.15 -10.91 -18.42
CA THR C 126 32.86 -10.72 -19.08
C THR C 126 31.73 -10.64 -18.04
N ALA C 127 31.78 -11.55 -17.06
CA ALA C 127 30.81 -11.59 -15.97
C ALA C 127 30.84 -10.31 -15.13
N VAL C 128 32.02 -9.95 -14.63
CA VAL C 128 32.21 -8.73 -13.85
C VAL C 128 31.67 -7.51 -14.61
N LEU C 129 32.12 -7.34 -15.85
CA LEU C 129 31.73 -6.17 -16.65
C LEU C 129 30.27 -6.13 -17.04
N ILE C 130 29.64 -7.28 -17.26
CA ILE C 130 28.22 -7.29 -17.59
C ILE C 130 27.39 -6.99 -16.35
N GLY C 131 27.80 -7.54 -15.21
CA GLY C 131 27.31 -7.11 -13.90
C GLY C 131 27.34 -5.60 -13.75
N ASP C 132 28.53 -5.02 -13.87
CA ASP C 132 28.73 -3.56 -13.84
C ASP C 132 27.81 -2.82 -14.80
N ALA C 133 27.67 -3.36 -16.02
CA ALA C 133 26.84 -2.72 -17.04
C ALA C 133 25.37 -2.69 -16.67
N LEU C 134 24.89 -3.77 -16.06
CA LEU C 134 23.48 -3.84 -15.66
C LEU C 134 23.19 -2.99 -14.43
N ASN C 135 24.18 -2.88 -13.54
CA ASN C 135 24.13 -1.93 -12.43
C ASN C 135 23.79 -0.53 -12.96
N THR C 136 24.67 0.01 -13.79
CA THR C 136 24.52 1.32 -14.39
C THR C 136 23.27 1.46 -15.25
N TYR C 137 22.89 0.39 -15.95
CA TYR C 137 21.79 0.44 -16.91
C TYR C 137 20.43 0.59 -16.22
N SER C 138 20.34 0.13 -14.97
CA SER C 138 19.17 0.38 -14.12
C SER C 138 18.86 1.86 -14.10
N PHE C 139 19.88 2.67 -13.86
CA PHE C 139 19.71 4.11 -13.75
C PHE C 139 19.56 4.80 -15.08
N GLU C 140 20.04 4.16 -16.16
CA GLU C 140 19.76 4.68 -17.49
C GLU C 140 18.30 4.49 -17.84
N LEU C 141 17.78 3.30 -17.56
CA LEU C 141 16.37 3.00 -17.81
C LEU C 141 15.45 3.93 -17.02
N LEU C 142 15.78 4.08 -15.74
CA LEU C 142 15.04 4.91 -14.81
C LEU C 142 14.99 6.36 -15.27
N SER C 143 16.14 6.92 -15.63
CA SER C 143 16.23 8.31 -16.09
C SER C 143 15.56 8.56 -17.44
N ASN C 144 15.34 7.51 -18.22
CA ASN C 144 14.70 7.65 -19.53
C ASN C 144 13.21 7.35 -19.55
N ALA C 145 12.66 7.07 -18.38
CA ALA C 145 11.23 6.84 -18.23
C ALA C 145 10.52 8.20 -18.25
N LEU C 146 9.53 8.32 -19.14
CA LEU C 146 8.83 9.58 -19.35
C LEU C 146 7.68 9.80 -18.38
N LEU C 147 8.04 9.89 -17.10
CA LEU C 147 7.16 10.41 -16.06
C LEU C 147 7.67 11.79 -15.67
N GLU C 148 6.93 12.45 -14.77
CA GLU C 148 7.36 13.74 -14.22
C GLU C 148 8.74 13.65 -13.56
N SER C 149 9.54 14.69 -13.77
CA SER C 149 10.95 14.73 -13.38
C SER C 149 11.20 14.47 -11.89
N HIS C 150 10.31 14.97 -11.03
CA HIS C 150 10.51 14.83 -9.59
C HIS C 150 10.24 13.40 -9.11
N ILE C 151 9.30 12.72 -9.76
CA ILE C 151 9.02 11.29 -9.53
C ILE C 151 10.24 10.42 -9.86
N ILE C 152 10.80 10.62 -11.06
CA ILE C 152 12.02 9.95 -11.53
C ILE C 152 13.21 10.14 -10.56
N VAL C 153 13.42 11.37 -10.10
CA VAL C 153 14.46 11.67 -9.10
C VAL C 153 14.24 10.89 -7.81
N GLU C 154 12.99 10.83 -7.38
CA GLU C 154 12.61 10.06 -6.19
C GLU C 154 12.87 8.57 -6.34
N LEU C 155 12.47 8.02 -7.48
CA LEU C 155 12.71 6.60 -7.82
C LEU C 155 14.18 6.21 -7.82
N ILE C 156 15.03 7.10 -8.35
CA ILE C 156 16.48 6.84 -8.38
C ILE C 156 17.05 6.90 -6.97
N LYS C 157 16.56 7.83 -6.15
CA LYS C 157 16.94 7.90 -4.74
C LYS C 157 16.70 6.57 -4.04
N ILE C 158 15.50 6.02 -4.22
CA ILE C 158 15.12 4.76 -3.57
C ILE C 158 15.94 3.57 -4.03
N LEU C 159 16.02 3.37 -5.35
CA LEU C 159 16.74 2.24 -5.91
C LEU C 159 18.22 2.25 -5.56
N SER C 160 18.87 3.41 -5.71
CA SER C 160 20.30 3.53 -5.39
C SER C 160 20.61 3.35 -3.92
N ALA C 161 19.80 3.97 -3.05
CA ALA C 161 19.95 3.81 -1.61
C ALA C 161 19.81 2.34 -1.18
N ASN C 162 18.78 1.67 -1.68
CA ASN C 162 18.51 0.29 -1.28
C ASN C 162 19.40 -0.77 -1.92
N GLY C 163 19.79 -0.53 -3.18
CA GLY C 163 20.67 -1.46 -3.89
C GLY C 163 22.14 -1.22 -3.60
N GLY C 164 22.46 -0.10 -2.96
CA GLY C 164 23.84 0.32 -2.79
C GLY C 164 24.54 -0.13 -1.53
N ILE C 165 25.51 0.69 -1.10
CA ILE C 165 26.37 0.40 0.06
C ILE C 165 25.60 0.24 1.39
N LYS C 166 24.53 1.00 1.57
CA LYS C 166 23.76 0.98 2.82
C LYS C 166 22.74 -0.15 2.86
N GLY C 167 22.39 -0.67 1.70
CA GLY C 167 21.39 -1.73 1.63
C GLY C 167 21.99 -3.05 1.19
N MET C 168 21.78 -3.38 -0.09
CA MET C 168 22.09 -4.70 -0.65
C MET C 168 23.58 -5.10 -0.54
N ILE C 169 24.47 -4.17 -0.85
CA ILE C 169 25.90 -4.46 -0.87
C ILE C 169 26.44 -4.74 0.54
N LEU C 170 25.92 -4.00 1.52
CA LEU C 170 26.21 -4.31 2.93
C LEU C 170 25.88 -5.76 3.27
N GLY C 171 24.69 -6.20 2.87
CA GLY C 171 24.25 -7.58 3.06
C GLY C 171 25.15 -8.60 2.36
N GLN C 172 25.59 -8.25 1.15
CA GLN C 172 26.48 -9.13 0.39
C GLN C 172 27.88 -9.18 1.01
N ALA C 173 28.38 -8.02 1.45
CA ALA C 173 29.71 -7.91 2.05
C ALA C 173 29.79 -8.64 3.38
N LEU C 174 28.71 -8.58 4.16
CA LEU C 174 28.63 -9.28 5.43
C LEU C 174 28.60 -10.79 5.23
N ASP C 175 27.86 -11.24 4.20
CA ASP C 175 27.70 -12.66 3.93
C ASP C 175 29.01 -13.33 3.53
N CYS C 176 29.88 -12.57 2.86
CA CYS C 176 31.15 -13.07 2.39
C CYS C 176 32.27 -12.94 3.41
N TYR C 177 32.22 -11.90 4.24
CA TYR C 177 33.23 -11.72 5.27
C TYR C 177 33.05 -12.72 6.42
N PHE C 178 31.81 -13.00 6.77
CA PHE C 178 31.52 -13.92 7.87
C PHE C 178 31.04 -15.28 7.37
N GLU C 179 31.65 -15.76 6.29
CA GLU C 179 31.30 -17.06 5.71
C GLU C 179 31.85 -18.24 6.52
N ASN C 180 32.92 -17.99 7.29
CA ASN C 180 33.52 -19.02 8.13
C ASN C 180 32.93 -19.04 9.54
N THR C 181 32.53 -17.86 10.01
CA THR C 181 32.03 -17.68 11.36
C THR C 181 30.51 -17.79 11.41
N PRO C 182 29.98 -18.74 12.20
CA PRO C 182 28.53 -18.80 12.45
C PRO C 182 28.04 -17.61 13.28
N LEU C 183 26.93 -17.00 12.85
CA LEU C 183 26.40 -15.80 13.48
C LEU C 183 25.12 -16.12 14.26
N ASN C 184 24.73 -15.20 15.15
CA ASN C 184 23.50 -15.35 15.94
C ASN C 184 22.26 -14.91 15.17
N LEU C 185 21.09 -15.11 15.77
CA LEU C 185 19.81 -14.76 15.16
C LEU C 185 19.67 -13.28 14.81
N GLU C 186 20.13 -12.41 15.71
CA GLU C 186 20.08 -10.96 15.50
C GLU C 186 20.95 -10.54 14.31
N GLN C 187 22.15 -11.11 14.23
CA GLN C 187 23.13 -10.80 13.19
C GLN C 187 22.67 -11.31 11.81
N LEU C 188 22.11 -12.52 11.81
CA LEU C 188 21.68 -13.17 10.57
C LEU C 188 20.44 -12.49 9.99
N THR C 189 19.55 -12.03 10.86
CA THR C 189 18.36 -11.27 10.46
C THR C 189 18.76 -9.94 9.80
N PHE C 190 19.72 -9.26 10.41
CA PHE C 190 20.27 -8.01 9.89
C PHE C 190 20.87 -8.22 8.50
N LEU C 191 21.59 -9.33 8.34
CA LEU C 191 22.26 -9.69 7.10
C LEU C 191 21.24 -9.87 5.97
N HIS C 192 20.24 -10.71 6.22
CA HIS C 192 19.22 -11.05 5.24
C HIS C 192 18.33 -9.87 4.89
N GLU C 193 18.11 -8.98 5.86
CA GLU C 193 17.31 -7.77 5.64
C GLU C 193 17.99 -6.82 4.68
N HIS C 194 19.32 -6.80 4.71
CA HIS C 194 20.08 -5.96 3.82
C HIS C 194 20.35 -6.66 2.48
N LYS C 195 20.74 -7.93 2.54
CA LYS C 195 21.03 -8.75 1.36
C LYS C 195 19.83 -8.88 0.43
N THR C 196 18.66 -9.19 1.00
CA THR C 196 17.47 -9.54 0.22
C THR C 196 16.31 -8.57 0.36
N ALA C 197 15.99 -8.18 1.61
CA ALA C 197 14.74 -7.47 1.90
C ALA C 197 14.73 -6.02 1.45
N LYS C 198 15.90 -5.40 1.47
CA LYS C 198 16.03 -3.99 1.10
C LYS C 198 15.53 -3.72 -0.33
N LEU C 199 15.99 -4.53 -1.28
CA LEU C 199 15.56 -4.42 -2.68
C LEU C 199 14.10 -4.77 -2.86
N ILE C 200 13.63 -5.77 -2.12
CA ILE C 200 12.21 -6.15 -2.10
C ILE C 200 11.33 -4.99 -1.60
N SER C 201 11.75 -4.37 -0.49
CA SER C 201 11.02 -3.22 0.07
C SER C 201 11.06 -2.02 -0.88
N ALA C 202 12.22 -1.81 -1.52
CA ALA C 202 12.38 -0.80 -2.56
C ALA C 202 11.38 -0.93 -3.68
N SER C 203 11.11 -2.16 -4.12
CA SER C 203 10.17 -2.40 -5.22
C SER C 203 8.77 -1.92 -4.88
N LEU C 204 8.34 -2.18 -3.65
CA LEU C 204 7.02 -1.78 -3.17
C LEU C 204 6.86 -0.27 -3.10
N ILE C 205 7.78 0.43 -2.43
CA ILE C 205 7.71 1.88 -2.34
C ILE C 205 7.86 2.59 -3.69
N MET C 206 8.61 1.98 -4.61
CA MET C 206 8.74 2.49 -5.97
C MET C 206 7.41 2.48 -6.73
N GLY C 207 6.57 1.48 -6.46
CA GLY C 207 5.22 1.40 -7.01
C GLY C 207 4.35 2.57 -6.62
N LEU C 208 4.45 2.98 -5.36
CA LEU C 208 3.70 4.14 -4.85
C LEU C 208 4.22 5.46 -5.41
N VAL C 209 5.54 5.64 -5.37
CA VAL C 209 6.18 6.84 -5.89
C VAL C 209 5.87 7.05 -7.39
N ALA C 210 5.95 5.98 -8.17
CA ALA C 210 5.64 6.03 -9.60
C ALA C 210 4.18 6.34 -9.91
N SER C 211 3.29 5.97 -8.99
CA SER C 211 1.85 6.29 -9.13
C SER C 211 1.59 7.80 -9.00
N GLY C 212 2.45 8.48 -8.25
CA GLY C 212 2.37 9.93 -8.09
C GLY C 212 1.31 10.37 -7.11
N ILE C 213 0.87 9.43 -6.26
CA ILE C 213 -0.08 9.71 -5.20
C ILE C 213 0.69 9.94 -3.91
N LYS C 214 0.37 11.05 -3.23
CA LYS C 214 0.93 11.30 -1.91
C LYS C 214 0.11 10.53 -0.86
N ASP C 215 0.80 9.67 -0.13
CA ASP C 215 0.20 8.87 0.94
C ASP C 215 1.35 8.39 1.82
N GLU C 216 1.78 9.28 2.72
CA GLU C 216 2.94 9.08 3.57
C GLU C 216 2.82 7.88 4.51
N GLU C 217 1.59 7.54 4.87
CA GLU C 217 1.35 6.39 5.76
C GLU C 217 1.49 5.07 5.03
N LEU C 218 0.98 5.01 3.79
CA LEU C 218 1.17 3.84 2.94
C LEU C 218 2.65 3.61 2.66
N PHE C 219 3.37 4.70 2.42
CA PHE C 219 4.82 4.67 2.20
C PHE C 219 5.53 3.96 3.33
N LYS C 220 5.28 4.40 4.56
CA LYS C 220 5.90 3.83 5.75
C LYS C 220 5.53 2.35 5.87
N TRP C 221 4.28 2.03 5.55
CA TRP C 221 3.80 0.66 5.62
C TRP C 221 4.52 -0.23 4.60
N LEU C 222 4.45 0.16 3.32
CA LEU C 222 5.11 -0.57 2.24
C LEU C 222 6.60 -0.83 2.49
N GLN C 223 7.29 0.16 3.04
CA GLN C 223 8.71 0.05 3.35
C GLN C 223 8.99 -0.97 4.46
N ALA C 224 8.15 -0.98 5.48
CA ALA C 224 8.33 -1.88 6.62
C ALA C 224 7.84 -3.30 6.33
N PHE C 225 6.74 -3.39 5.58
CA PHE C 225 6.17 -4.66 5.15
C PHE C 225 7.14 -5.40 4.24
N GLY C 226 7.81 -4.65 3.38
CA GLY C 226 8.81 -5.19 2.47
C GLY C 226 10.03 -5.76 3.17
N LEU C 227 10.44 -5.13 4.26
CA LEU C 227 11.54 -5.62 5.07
C LEU C 227 11.16 -6.88 5.86
N LYS C 228 9.88 -7.03 6.15
CA LYS C 228 9.40 -8.19 6.89
C LYS C 228 9.22 -9.37 5.94
N MET C 229 8.61 -9.10 4.80
CA MET C 229 8.34 -10.13 3.79
C MET C 229 9.61 -10.54 3.06
N GLY C 230 10.52 -9.59 2.89
CA GLY C 230 11.82 -9.85 2.28
C GLY C 230 12.70 -10.74 3.13
N LEU C 231 12.59 -10.59 4.45
CA LEU C 231 13.27 -11.50 5.38
C LEU C 231 12.67 -12.90 5.24
N CYS C 232 11.35 -12.96 5.11
CA CYS C 232 10.64 -14.21 4.93
C CYS C 232 11.05 -14.89 3.62
N PHE C 233 11.26 -14.07 2.58
CA PHE C 233 11.73 -14.52 1.27
C PHE C 233 13.08 -15.23 1.35
N GLN C 234 14.00 -14.68 2.13
CA GLN C 234 15.36 -15.23 2.20
C GLN C 234 15.43 -16.48 3.06
N VAL C 235 14.58 -16.55 4.09
CA VAL C 235 14.44 -17.76 4.91
C VAL C 235 13.93 -18.90 4.02
N LEU C 236 12.95 -18.58 3.16
CA LEU C 236 12.46 -19.52 2.15
C LEU C 236 13.53 -19.94 1.15
N ASP C 237 14.39 -19.00 0.74
CA ASP C 237 15.52 -19.28 -0.15
C ASP C 237 16.57 -20.17 0.52
N ASP C 238 16.77 -19.98 1.83
CA ASP C 238 17.68 -20.81 2.62
C ASP C 238 17.22 -22.27 2.67
N ILE C 239 15.90 -22.45 2.76
CA ILE C 239 15.26 -23.78 2.73
C ILE C 239 15.37 -24.40 1.34
N ILE C 240 15.18 -23.57 0.31
CA ILE C 240 15.32 -23.97 -1.11
C ILE C 240 16.67 -24.65 -1.41
N ASP C 241 17.74 -24.10 -0.83
CA ASP C 241 19.10 -24.63 -0.99
C ASP C 241 19.27 -26.08 -0.55
N VAL C 242 18.48 -26.51 0.44
CA VAL C 242 18.59 -27.86 0.99
C VAL C 242 17.43 -28.78 0.55
N THR C 243 16.31 -28.18 0.13
CA THR C 243 15.14 -28.97 -0.25
C THR C 243 14.94 -29.17 -1.76
N GLN C 244 15.72 -28.44 -2.56
CA GLN C 244 15.60 -28.53 -4.02
C GLN C 244 16.92 -28.84 -4.71
N ASP C 245 16.83 -29.59 -5.81
CA ASP C 245 17.99 -29.76 -6.70
C ASP C 245 17.98 -28.70 -7.81
N GLU C 246 18.98 -28.75 -8.68
CA GLU C 246 19.23 -27.72 -9.67
C GLU C 246 18.22 -27.68 -10.81
N GLU C 247 17.51 -28.78 -11.02
CA GLU C 247 16.45 -28.82 -12.03
C GLU C 247 15.24 -27.98 -11.62
N GLU C 248 14.93 -27.96 -10.33
CA GLU C 248 13.80 -27.20 -9.82
C GLU C 248 14.14 -25.75 -9.49
N SER C 249 15.24 -25.55 -8.75
CA SER C 249 15.67 -24.21 -8.33
C SER C 249 16.20 -23.38 -9.49
N GLY C 250 16.84 -24.04 -10.45
CA GLY C 250 17.43 -23.38 -11.61
C GLY C 250 18.85 -22.90 -11.37
N LYS C 251 19.35 -23.11 -10.16
CA LYS C 251 20.66 -22.59 -9.76
C LYS C 251 21.46 -23.63 -9.00
N THR C 252 22.77 -23.41 -8.91
CA THR C 252 23.70 -24.32 -8.24
C THR C 252 23.44 -24.37 -6.73
N THR C 253 23.10 -25.56 -6.24
CA THR C 253 23.04 -25.85 -4.80
C THR C 253 24.46 -25.88 -4.26
N HIS C 254 24.76 -25.00 -3.31
N HIS C 254 24.76 -24.98 -3.33
CA HIS C 254 26.10 -24.91 -2.75
CA HIS C 254 26.10 -24.88 -2.75
C HIS C 254 26.29 -25.93 -1.65
C HIS C 254 26.29 -25.91 -1.64
N LEU C 255 27.55 -26.19 -1.31
CA LEU C 255 27.92 -27.18 -0.29
C LEU C 255 27.43 -26.77 1.09
N ASP C 256 26.69 -27.68 1.72
CA ASP C 256 25.91 -27.42 2.95
C ASP C 256 26.75 -26.93 4.13
N SER C 257 28.05 -27.26 4.10
CA SER C 257 29.01 -26.81 5.10
C SER C 257 29.28 -25.30 5.04
N ALA C 258 29.19 -24.72 3.84
CA ALA C 258 29.53 -23.32 3.61
C ALA C 258 28.53 -22.32 4.21
N LYS C 259 29.09 -21.20 4.70
CA LYS C 259 28.39 -19.97 5.14
C LYS C 259 27.22 -20.07 6.17
N ASN C 260 26.45 -19.00 6.28
N ASN C 260 26.48 -18.98 6.29
CA ASN C 260 25.40 -18.88 7.29
CA ASN C 260 25.38 -18.84 7.25
C ASN C 260 24.00 -18.79 6.72
C ASN C 260 24.02 -18.89 6.59
N SER C 261 23.10 -19.64 7.21
CA SER C 261 21.70 -19.66 6.78
C SER C 261 20.84 -20.04 7.98
N PHE C 262 19.53 -19.86 7.84
CA PHE C 262 18.58 -20.22 8.88
C PHE C 262 18.45 -21.74 9.07
N VAL C 263 18.82 -22.49 8.04
CA VAL C 263 18.91 -23.95 8.14
C VAL C 263 20.12 -24.33 9.01
N ASN C 264 21.22 -23.60 8.84
CA ASN C 264 22.43 -23.81 9.63
C ASN C 264 22.28 -23.44 11.11
N LEU C 265 21.46 -22.43 11.38
CA LEU C 265 21.30 -21.92 12.74
C LEU C 265 20.19 -22.61 13.52
N LEU C 266 19.15 -23.07 12.83
CA LEU C 266 17.98 -23.63 13.51
C LEU C 266 17.70 -25.09 13.18
N GLY C 267 18.23 -25.58 12.06
CA GLY C 267 17.90 -26.92 11.57
C GLY C 267 16.65 -26.85 10.71
N LEU C 268 16.53 -27.77 9.75
CA LEU C 268 15.49 -27.71 8.72
C LEU C 268 14.05 -27.70 9.24
N GLU C 269 13.79 -28.51 10.27
CA GLU C 269 12.45 -28.61 10.86
C GLU C 269 12.02 -27.31 11.54
N ARG C 270 12.97 -26.68 12.24
CA ARG C 270 12.70 -25.47 13.01
C ARG C 270 12.71 -24.22 12.12
N ALA C 271 13.51 -24.25 11.05
CA ALA C 271 13.57 -23.17 10.07
C ALA C 271 12.30 -23.14 9.23
N ASN C 272 11.73 -24.31 8.95
CA ASN C 272 10.43 -24.43 8.29
C ASN C 272 9.30 -23.81 9.12
N ASN C 273 9.39 -24.00 10.44
CA ASN C 273 8.41 -23.45 11.38
C ASN C 273 8.50 -21.94 11.48
N TYR C 274 9.73 -21.43 11.50
CA TYR C 274 9.98 -19.99 11.52
C TYR C 274 9.52 -19.33 10.23
N ALA C 275 9.70 -20.04 9.11
CA ALA C 275 9.21 -19.60 7.81
C ALA C 275 7.69 -19.55 7.78
N GLN C 276 7.06 -20.61 8.30
CA GLN C 276 5.60 -20.72 8.33
C GLN C 276 4.90 -19.64 9.16
N THR C 277 5.46 -19.33 10.33
CA THR C 277 4.87 -18.32 11.20
C THR C 277 5.01 -16.92 10.59
N LEU C 278 6.14 -16.69 9.93
CA LEU C 278 6.38 -15.45 9.19
C LEU C 278 5.44 -15.29 7.99
N LYS C 279 5.17 -16.39 7.29
CA LYS C 279 4.19 -16.41 6.20
C LYS C 279 2.82 -15.94 6.68
N THR C 280 2.40 -16.48 7.83
CA THR C 280 1.09 -16.18 8.41
C THR C 280 1.02 -14.73 8.89
N GLU C 281 2.10 -14.28 9.53
CA GLU C 281 2.22 -12.92 10.02
C GLU C 281 2.17 -11.90 8.88
N VAL C 282 2.89 -12.20 7.80
CA VAL C 282 2.93 -11.36 6.59
C VAL C 282 1.55 -11.27 5.94
N LEU C 283 0.85 -12.39 5.84
CA LEU C 283 -0.48 -12.43 5.25
C LEU C 283 -1.54 -11.73 6.11
N ASN C 284 -1.39 -11.82 7.43
CA ASN C 284 -2.27 -11.11 8.37
C ASN C 284 -2.07 -9.61 8.39
N ASP C 285 -0.80 -9.18 8.40
CA ASP C 285 -0.45 -7.77 8.25
C ASP C 285 -1.06 -7.21 6.97
N LEU C 286 -0.99 -8.01 5.91
CA LEU C 286 -1.56 -7.64 4.63
C LEU C 286 -3.08 -7.63 4.68
N ASP C 287 -3.68 -8.55 5.43
CA ASP C 287 -5.14 -8.59 5.65
C ASP C 287 -5.70 -7.29 6.23
N ALA C 288 -4.90 -6.60 7.05
CA ALA C 288 -5.28 -5.33 7.65
C ALA C 288 -5.48 -4.18 6.65
N LEU C 289 -4.93 -4.34 5.45
CA LEU C 289 -5.04 -3.34 4.39
C LEU C 289 -6.35 -3.41 3.62
N LYS C 290 -6.98 -4.58 3.67
CA LYS C 290 -8.22 -4.88 2.94
C LYS C 290 -9.34 -3.82 2.99
N PRO C 291 -9.60 -3.20 4.18
CA PRO C 291 -10.64 -2.17 4.17
C PRO C 291 -10.23 -0.84 3.52
N ALA C 292 -9.03 -0.35 3.83
CA ALA C 292 -8.59 0.96 3.34
C ALA C 292 -8.04 0.91 1.91
N TYR C 293 -7.34 -0.17 1.58
CA TYR C 293 -6.74 -0.33 0.25
C TYR C 293 -7.07 -1.70 -0.35
N PRO C 294 -8.34 -1.91 -0.78
CA PRO C 294 -8.73 -3.26 -1.20
C PRO C 294 -8.02 -3.77 -2.46
N LEU C 295 -7.88 -2.91 -3.47
CA LEU C 295 -7.25 -3.27 -4.74
C LEU C 295 -5.76 -3.57 -4.58
N LEU C 296 -5.11 -2.82 -3.68
CA LEU C 296 -3.71 -3.04 -3.33
C LEU C 296 -3.52 -4.35 -2.58
N GLN C 297 -4.47 -4.64 -1.69
CA GLN C 297 -4.45 -5.88 -0.91
C GLN C 297 -4.66 -7.07 -1.84
N GLU C 298 -5.58 -6.92 -2.80
CA GLU C 298 -5.96 -7.99 -3.70
C GLU C 298 -4.80 -8.46 -4.59
N ASN C 299 -4.05 -7.50 -5.13
CA ASN C 299 -2.90 -7.80 -5.98
C ASN C 299 -1.78 -8.45 -5.20
N LEU C 300 -1.46 -7.86 -4.05
CA LEU C 300 -0.38 -8.34 -3.21
C LEU C 300 -0.65 -9.72 -2.64
N ASN C 301 -1.91 -9.96 -2.26
CA ASN C 301 -2.32 -11.26 -1.72
C ASN C 301 -2.22 -12.34 -2.78
N ALA C 302 -2.70 -12.06 -3.99
CA ALA C 302 -2.60 -12.99 -5.11
C ALA C 302 -1.14 -13.34 -5.45
N LEU C 303 -0.29 -12.32 -5.53
CA LEU C 303 1.14 -12.48 -5.79
C LEU C 303 1.86 -13.34 -4.73
N LEU C 304 1.59 -13.07 -3.47
CA LEU C 304 2.27 -13.77 -2.38
C LEU C 304 1.81 -15.21 -2.19
N ASN C 305 0.52 -15.48 -2.43
CA ASN C 305 0.00 -16.85 -2.42
C ASN C 305 0.68 -17.75 -3.45
N THR C 306 0.91 -17.20 -4.64
CA THR C 306 1.66 -17.86 -5.72
C THR C 306 3.10 -18.20 -5.29
N LEU C 307 3.75 -17.24 -4.66
CA LEU C 307 5.12 -17.42 -4.17
C LEU C 307 5.20 -18.47 -3.06
N PHE C 308 4.18 -18.51 -2.21
CA PHE C 308 4.16 -19.44 -1.07
C PHE C 308 3.82 -20.89 -1.46
N LYS C 309 3.25 -21.07 -2.64
CA LYS C 309 3.03 -22.40 -3.22
C LYS C 309 4.36 -22.99 -3.70
N SER D 11 46.21 35.97 -14.12
CA SER D 11 45.42 35.47 -12.96
C SER D 11 44.17 36.33 -12.74
N SER D 12 43.24 36.27 -13.69
CA SER D 12 42.00 37.07 -13.69
C SER D 12 41.01 36.63 -12.60
N PRO D 13 39.99 37.46 -12.28
CA PRO D 13 38.95 37.07 -11.32
C PRO D 13 38.15 35.80 -11.67
N ASN D 14 37.93 35.56 -12.96
CA ASN D 14 37.23 34.36 -13.45
C ASN D 14 38.00 33.07 -13.19
N LEU D 15 39.30 33.09 -13.49
CA LEU D 15 40.18 31.94 -13.28
C LEU D 15 40.51 31.72 -11.81
N SER D 16 40.53 32.81 -11.03
CA SER D 16 40.82 32.76 -9.61
C SER D 16 39.65 32.16 -8.82
N PHE D 17 38.45 32.35 -9.35
CA PHE D 17 37.23 31.74 -8.82
C PHE D 17 37.26 30.23 -9.04
N TYR D 18 37.57 29.82 -10.27
CA TYR D 18 37.64 28.41 -10.65
C TYR D 18 38.75 27.63 -9.92
N TYR D 19 39.93 28.23 -9.76
CA TYR D 19 41.04 27.61 -9.04
C TYR D 19 40.75 27.39 -7.56
N ASN D 20 39.98 28.30 -6.97
CA ASN D 20 39.57 28.22 -5.59
C ASN D 20 38.55 27.11 -5.35
N GLU D 21 37.64 26.94 -6.32
CA GLU D 21 36.60 25.92 -6.26
C GLU D 21 37.13 24.50 -6.38
N CYS D 22 38.26 24.33 -7.06
CA CYS D 22 38.92 23.03 -7.18
C CYS D 22 39.62 22.62 -5.88
N GLU D 23 40.08 23.61 -5.12
CA GLU D 23 40.66 23.36 -3.81
C GLU D 23 39.56 23.08 -2.79
N ARG D 24 38.42 23.76 -2.98
CA ARG D 24 37.25 23.59 -2.12
C ARG D 24 36.55 22.26 -2.33
N PHE D 25 36.55 21.79 -3.58
CA PHE D 25 36.01 20.47 -3.91
C PHE D 25 36.83 19.34 -3.29
N GLU D 26 38.15 19.53 -3.24
CA GLU D 26 39.06 18.58 -2.61
C GLU D 26 38.82 18.50 -1.09
N SER D 27 38.42 19.63 -0.49
CA SER D 27 38.02 19.68 0.92
C SER D 27 36.68 18.97 1.15
N PHE D 28 35.72 19.24 0.27
CA PHE D 28 34.42 18.57 0.24
C PHE D 28 34.58 17.04 0.13
N LEU D 29 35.48 16.61 -0.75
CA LEU D 29 35.80 15.21 -0.97
C LEU D 29 36.45 14.55 0.25
N LYS D 30 37.46 15.22 0.82
CA LYS D 30 38.24 14.66 1.92
C LYS D 30 37.39 14.52 3.19
N ASN D 31 36.48 15.47 3.38
CA ASN D 31 35.59 15.48 4.54
C ASN D 31 34.24 14.81 4.30
N HIS D 32 34.09 14.18 3.14
CA HIS D 32 32.87 13.45 2.83
C HIS D 32 32.80 12.16 3.64
N HIS D 33 31.77 12.08 4.48
CA HIS D 33 31.58 10.95 5.38
C HIS D 33 30.25 10.27 5.10
N LEU D 34 30.31 8.94 4.97
CA LEU D 34 29.12 8.13 4.87
C LEU D 34 29.02 7.28 6.13
N HIS D 35 27.96 7.49 6.89
CA HIS D 35 27.77 6.80 8.15
C HIS D 35 27.06 5.48 7.90
N LEU D 36 27.83 4.41 8.02
CA LEU D 36 27.38 3.07 7.74
C LEU D 36 27.47 2.25 9.01
N GLU D 37 26.32 1.97 9.62
CA GLU D 37 26.27 1.21 10.87
C GLU D 37 26.10 -0.28 10.61
N SER D 38 27.14 -1.04 10.94
CA SER D 38 27.14 -2.50 10.79
C SER D 38 28.20 -3.15 11.67
N PHE D 39 28.11 -4.47 11.79
CA PHE D 39 29.15 -5.25 12.48
C PHE D 39 30.26 -5.73 11.52
N HIS D 40 30.42 -5.03 10.40
CA HIS D 40 31.53 -5.28 9.51
C HIS D 40 32.70 -4.41 9.95
N PRO D 41 33.89 -5.01 10.10
CA PRO D 41 35.12 -4.35 10.53
C PRO D 41 35.54 -3.15 9.69
N TYR D 42 35.76 -3.33 8.39
CA TYR D 42 36.42 -2.27 7.60
C TYR D 42 35.61 -1.60 6.49
N LEU D 43 34.40 -2.07 6.23
CA LEU D 43 33.65 -1.66 5.04
C LEU D 43 33.39 -0.16 4.91
N GLU D 44 33.14 0.51 6.03
CA GLU D 44 32.87 1.94 6.05
C GLU D 44 34.09 2.74 5.60
N LYS D 45 35.26 2.33 6.07
CA LYS D 45 36.51 2.99 5.67
C LYS D 45 36.90 2.58 4.25
N ALA D 46 36.74 1.30 3.94
CA ALA D 46 37.13 0.74 2.65
C ALA D 46 36.31 1.26 1.47
N PHE D 47 35.05 1.58 1.72
CA PHE D 47 34.14 2.14 0.70
C PHE D 47 34.72 3.36 -0.01
N PHE D 48 35.12 4.36 0.77
CA PHE D 48 35.57 5.63 0.21
C PHE D 48 37.10 5.72 0.07
N GLU D 49 37.80 4.70 0.57
CA GLU D 49 39.26 4.66 0.63
C GLU D 49 39.95 5.04 -0.68
N MET D 50 39.56 4.41 -1.79
CA MET D 50 40.16 4.70 -3.09
C MET D 50 39.74 6.03 -3.71
N VAL D 51 38.64 6.61 -3.24
CA VAL D 51 38.27 7.97 -3.64
C VAL D 51 39.19 8.96 -2.92
N LEU D 52 39.53 8.65 -1.68
CA LEU D 52 40.48 9.46 -0.89
C LEU D 52 41.90 9.31 -1.43
N ASN D 53 42.38 8.07 -1.48
CA ASN D 53 43.75 7.73 -1.85
C ASN D 53 44.17 8.20 -3.24
N GLY D 54 44.66 9.45 -3.31
CA GLY D 54 45.18 10.03 -4.53
C GLY D 54 44.13 10.32 -5.59
N GLY D 55 44.60 10.79 -6.75
CA GLY D 55 43.74 11.13 -7.87
C GLY D 55 43.88 12.57 -8.28
N LYS D 56 44.09 12.80 -9.58
CA LYS D 56 44.24 14.14 -10.12
C LYS D 56 42.92 14.94 -10.23
N ARG D 57 41.79 14.28 -9.95
CA ARG D 57 40.44 14.88 -9.98
C ARG D 57 40.12 15.58 -11.31
N PHE D 58 40.65 15.04 -12.40
CA PHE D 58 40.60 15.66 -13.72
C PHE D 58 39.19 15.81 -14.28
N ARG D 59 38.36 14.79 -14.11
CA ARG D 59 36.96 14.84 -14.55
C ARG D 59 36.06 15.82 -13.74
N PRO D 60 36.19 15.84 -12.38
CA PRO D 60 35.58 16.93 -11.63
C PRO D 60 36.08 18.31 -12.06
N LYS D 61 37.39 18.44 -12.27
CA LYS D 61 37.99 19.70 -12.72
C LYS D 61 37.45 20.13 -14.08
N LEU D 62 37.22 19.15 -14.96
CA LEU D 62 36.62 19.39 -16.28
C LEU D 62 35.19 19.88 -16.13
N PHE D 63 34.50 19.37 -15.11
CA PHE D 63 33.10 19.69 -14.84
C PHE D 63 32.97 21.11 -14.32
N LEU D 64 33.87 21.47 -13.40
CA LEU D 64 33.89 22.79 -12.78
C LEU D 64 34.36 23.87 -13.75
N ALA D 65 35.26 23.52 -14.67
CA ALA D 65 35.72 24.46 -15.71
C ALA D 65 34.60 24.95 -16.62
N VAL D 66 33.62 24.10 -16.85
CA VAL D 66 32.44 24.47 -17.65
C VAL D 66 31.46 25.24 -16.78
N LEU D 67 31.37 24.85 -15.51
CA LEU D 67 30.41 25.43 -14.57
C LEU D 67 30.83 26.80 -14.03
N CYS D 68 32.06 26.89 -13.51
CA CYS D 68 32.64 28.14 -13.00
C CYS D 68 32.91 29.18 -14.09
N ALA D 69 32.17 29.08 -15.19
CA ALA D 69 32.34 29.96 -16.33
C ALA D 69 31.00 30.32 -16.94
N LEU D 70 30.00 29.47 -16.71
CA LEU D 70 28.68 29.67 -17.29
C LEU D 70 27.67 30.22 -16.30
N VAL D 71 27.88 29.94 -15.02
CA VAL D 71 27.07 30.53 -13.97
C VAL D 71 27.86 31.64 -13.26
N GLY D 72 27.20 32.76 -12.97
CA GLY D 72 27.80 33.86 -12.22
C GLY D 72 27.95 33.49 -10.76
N GLN D 73 28.93 34.09 -10.09
CA GLN D 73 29.23 33.81 -8.67
C GLN D 73 28.07 34.11 -7.73
N LYS D 74 27.16 34.97 -8.17
CA LYS D 74 25.96 35.36 -7.44
C LYS D 74 25.00 34.17 -7.27
N ASP D 75 24.79 33.44 -8.37
CA ASP D 75 23.83 32.33 -8.41
C ASP D 75 24.48 31.02 -7.98
N TYR D 76 25.82 31.02 -8.02
CA TYR D 76 26.64 29.87 -7.64
C TYR D 76 26.66 29.64 -6.12
N SER D 77 26.53 30.73 -5.37
CA SER D 77 26.65 30.73 -3.91
C SER D 77 25.63 29.83 -3.22
N ASN D 78 24.40 29.85 -3.73
CA ASN D 78 23.30 29.02 -3.22
C ASN D 78 23.56 27.53 -3.35
N GLN D 79 24.10 27.12 -4.50
CA GLN D 79 24.10 25.71 -4.89
C GLN D 79 25.48 25.05 -4.86
N GLN D 80 26.43 25.65 -4.15
CA GLN D 80 27.83 25.18 -4.16
C GLN D 80 27.99 23.73 -3.71
N THR D 81 27.28 23.34 -2.66
CA THR D 81 27.31 21.97 -2.13
C THR D 81 26.70 20.97 -3.12
N GLU D 82 25.68 21.43 -3.85
CA GLU D 82 24.96 20.59 -4.81
C GLU D 82 25.79 20.33 -6.07
N TYR D 83 26.51 21.35 -6.53
CA TYR D 83 27.44 21.23 -7.64
C TYR D 83 28.64 20.34 -7.28
N PHE D 84 28.98 20.33 -6.00
CA PHE D 84 30.08 19.53 -5.50
C PHE D 84 29.68 18.05 -5.40
N LYS D 85 28.38 17.81 -5.17
CA LYS D 85 27.82 16.46 -5.16
C LYS D 85 27.83 15.84 -6.56
N ILE D 86 27.41 16.62 -7.55
CA ILE D 86 27.43 16.23 -8.96
C ILE D 86 28.86 15.92 -9.43
N ALA D 87 29.82 16.74 -9.02
CA ALA D 87 31.22 16.53 -9.33
C ALA D 87 31.78 15.30 -8.63
N LEU D 88 31.26 14.99 -7.45
CA LEU D 88 31.74 13.84 -6.68
C LEU D 88 31.25 12.52 -7.27
N SER D 89 30.08 12.55 -7.90
CA SER D 89 29.51 11.35 -8.51
C SER D 89 30.35 10.89 -9.72
N ILE D 90 30.78 11.86 -10.52
CA ILE D 90 31.68 11.64 -11.65
C ILE D 90 33.00 11.02 -11.18
N GLU D 91 33.54 11.55 -10.09
CA GLU D 91 34.75 11.00 -9.50
C GLU D 91 34.50 9.62 -8.89
N CYS D 92 33.29 9.40 -8.39
CA CYS D 92 32.91 8.10 -7.80
C CYS D 92 32.74 7.02 -8.86
N LEU D 93 32.19 7.38 -10.01
CA LEU D 93 32.05 6.45 -11.13
C LEU D 93 33.42 6.11 -11.73
N HIS D 94 34.26 7.14 -11.90
CA HIS D 94 35.63 6.94 -12.39
C HIS D 94 36.44 6.05 -11.44
N THR D 95 36.28 6.25 -10.14
CA THR D 95 37.00 5.45 -9.14
C THR D 95 36.57 3.99 -9.16
N TYR D 96 35.26 3.73 -9.34
CA TYR D 96 34.78 2.33 -9.35
C TYR D 96 35.39 1.58 -10.52
N SER D 97 35.45 2.25 -11.68
CA SER D 97 35.97 1.68 -12.89
C SER D 97 37.41 1.20 -12.69
N LEU D 98 38.19 2.04 -12.01
CA LEU D 98 39.59 1.74 -11.70
C LEU D 98 39.75 0.60 -10.72
N ILE D 99 38.81 0.50 -9.78
CA ILE D 99 38.84 -0.57 -8.77
C ILE D 99 38.62 -1.92 -9.44
N HIS D 100 37.67 -1.95 -10.37
CA HIS D 100 37.39 -3.16 -11.13
C HIS D 100 38.48 -3.47 -12.15
N ASP D 101 39.06 -2.43 -12.74
CA ASP D 101 40.22 -2.54 -13.62
C ASP D 101 41.42 -3.24 -12.97
N ASP D 102 41.66 -2.97 -11.69
CA ASP D 102 42.82 -3.52 -11.00
C ASP D 102 42.65 -4.96 -10.51
N LEU D 103 41.45 -5.52 -10.67
CA LEU D 103 41.13 -6.88 -10.21
C LEU D 103 42.03 -7.94 -10.86
N PRO D 104 42.33 -9.04 -10.11
CA PRO D 104 43.13 -10.16 -10.62
C PRO D 104 42.69 -10.64 -12.00
N CYS D 105 41.37 -10.79 -12.21
CA CYS D 105 40.81 -11.27 -13.48
C CYS D 105 41.00 -10.26 -14.62
N MET D 106 41.22 -9.00 -14.29
CA MET D 106 41.50 -7.98 -15.29
C MET D 106 43.01 -7.64 -15.33
N ASP D 107 43.40 -6.42 -14.96
CA ASP D 107 44.81 -5.99 -15.09
C ASP D 107 45.72 -6.43 -13.94
N ASN D 108 45.14 -6.99 -12.88
CA ASN D 108 45.86 -7.50 -11.70
C ASN D 108 46.90 -6.52 -11.13
N ALA D 109 46.44 -5.31 -10.80
CA ALA D 109 47.30 -4.28 -10.24
C ALA D 109 47.29 -4.33 -8.72
N ALA D 110 48.48 -4.25 -8.12
CA ALA D 110 48.62 -4.30 -6.65
C ALA D 110 48.80 -2.91 -6.04
N LEU D 111 48.86 -1.88 -6.89
CA LEU D 111 49.02 -0.51 -6.45
C LEU D 111 48.39 0.47 -7.42
N ARG D 112 47.67 1.47 -6.89
CA ARG D 112 47.12 2.57 -7.69
C ARG D 112 47.10 3.87 -6.88
N ARG D 113 47.56 4.95 -7.51
CA ARG D 113 47.68 6.30 -6.90
C ARG D 113 48.53 6.28 -5.62
N ASN D 114 49.65 5.55 -5.69
CA ASN D 114 50.62 5.36 -4.60
C ASN D 114 50.16 4.50 -3.41
N HIS D 115 48.91 4.05 -3.43
CA HIS D 115 48.34 3.26 -2.35
C HIS D 115 48.01 1.84 -2.83
N PRO D 116 48.03 0.84 -1.90
CA PRO D 116 47.63 -0.52 -2.27
C PRO D 116 46.18 -0.61 -2.73
N THR D 117 45.93 -1.50 -3.70
CA THR D 117 44.58 -1.71 -4.23
C THR D 117 43.72 -2.51 -3.26
N LEU D 118 42.41 -2.38 -3.41
CA LEU D 118 41.44 -2.91 -2.44
C LEU D 118 41.47 -4.43 -2.28
N HIS D 119 41.78 -5.15 -3.35
CA HIS D 119 41.88 -6.61 -3.29
C HIS D 119 43.20 -7.06 -2.68
N ALA D 120 44.24 -6.25 -2.88
CA ALA D 120 45.55 -6.50 -2.30
C ALA D 120 45.53 -6.27 -0.79
N LYS D 121 44.88 -5.18 -0.36
CA LYS D 121 44.79 -4.84 1.05
C LYS D 121 43.82 -5.75 1.82
N TYR D 122 42.61 -5.93 1.28
CA TYR D 122 41.57 -6.74 1.92
C TYR D 122 41.46 -8.09 1.21
N ASP D 123 40.45 -8.23 0.34
CA ASP D 123 40.34 -9.39 -0.56
C ASP D 123 39.55 -9.06 -1.82
N GLU D 124 39.52 -10.02 -2.75
CA GLU D 124 38.91 -9.88 -4.07
C GLU D 124 37.42 -9.52 -4.00
N THR D 125 36.69 -10.28 -3.19
CA THR D 125 35.28 -10.05 -2.89
C THR D 125 34.96 -8.60 -2.51
N THR D 126 35.75 -8.06 -1.59
CA THR D 126 35.61 -6.70 -1.08
C THR D 126 35.80 -5.66 -2.19
N ALA D 127 36.76 -5.91 -3.06
CA ALA D 127 37.05 -5.02 -4.18
C ALA D 127 35.92 -4.96 -5.21
N VAL D 128 35.33 -6.12 -5.49
CA VAL D 128 34.20 -6.20 -6.42
C VAL D 128 33.02 -5.43 -5.84
N LEU D 129 32.70 -5.71 -4.57
CA LEU D 129 31.53 -5.14 -3.92
C LEU D 129 31.61 -3.63 -3.70
N ILE D 130 32.81 -3.12 -3.44
CA ILE D 130 32.97 -1.68 -3.24
C ILE D 130 32.90 -0.92 -4.56
N GLY D 131 33.49 -1.51 -5.61
CA GLY D 131 33.32 -0.99 -6.96
C GLY D 131 31.86 -0.91 -7.33
N ASP D 132 31.12 -1.98 -7.02
CA ASP D 132 29.67 -2.02 -7.21
C ASP D 132 28.97 -0.92 -6.42
N ALA D 133 29.35 -0.77 -5.15
CA ALA D 133 28.84 0.28 -4.28
C ALA D 133 29.05 1.67 -4.85
N LEU D 134 30.28 1.95 -5.29
CA LEU D 134 30.62 3.25 -5.86
C LEU D 134 29.93 3.54 -7.18
N ASN D 135 29.75 2.50 -8.00
CA ASN D 135 28.98 2.60 -9.24
C ASN D 135 27.58 3.11 -8.92
N THR D 136 26.91 2.44 -7.98
CA THR D 136 25.55 2.79 -7.58
C THR D 136 25.50 4.15 -6.86
N TYR D 137 26.47 4.38 -5.96
CA TYR D 137 26.56 5.61 -5.17
C TYR D 137 26.59 6.88 -6.01
N SER D 138 27.25 6.80 -7.17
CA SER D 138 27.27 7.90 -8.15
C SER D 138 25.87 8.38 -8.50
N PHE D 139 24.92 7.45 -8.52
CA PHE D 139 23.57 7.81 -8.90
C PHE D 139 22.73 8.21 -7.70
N GLU D 140 23.17 7.81 -6.52
CA GLU D 140 22.56 8.29 -5.29
C GLU D 140 22.95 9.76 -5.07
N LEU D 141 24.25 10.03 -5.25
CA LEU D 141 24.80 11.38 -5.16
C LEU D 141 24.10 12.35 -6.10
N LEU D 142 23.97 11.96 -7.37
CA LEU D 142 23.31 12.80 -8.37
C LEU D 142 21.85 13.10 -8.03
N SER D 143 21.12 12.07 -7.61
CA SER D 143 19.70 12.21 -7.29
C SER D 143 19.47 12.97 -5.97
N ASN D 144 20.46 12.94 -5.08
CA ASN D 144 20.42 13.72 -3.83
C ASN D 144 20.86 15.19 -3.98
N ALA D 145 21.41 15.55 -5.15
CA ALA D 145 21.80 16.93 -5.43
C ALA D 145 20.56 17.79 -5.64
N LEU D 146 20.53 18.93 -4.95
CA LEU D 146 19.34 19.77 -4.90
C LEU D 146 19.37 20.86 -5.95
N LEU D 147 19.37 20.45 -7.22
CA LEU D 147 19.03 21.37 -8.29
C LEU D 147 17.64 20.99 -8.74
N GLU D 148 17.13 21.69 -9.76
CA GLU D 148 15.83 21.39 -10.35
C GLU D 148 15.71 19.94 -10.83
N SER D 149 14.50 19.41 -10.76
CA SER D 149 14.21 18.02 -11.09
C SER D 149 14.69 17.61 -12.47
N HIS D 150 14.33 18.39 -13.48
CA HIS D 150 14.61 18.06 -14.89
C HIS D 150 16.10 18.16 -15.24
N ILE D 151 16.83 18.94 -14.45
CA ILE D 151 18.27 19.06 -14.60
C ILE D 151 18.94 17.78 -14.07
N ILE D 152 18.53 17.34 -12.89
CA ILE D 152 19.06 16.13 -12.24
C ILE D 152 18.84 14.87 -13.09
N VAL D 153 17.66 14.74 -13.67
CA VAL D 153 17.31 13.63 -14.56
C VAL D 153 18.26 13.62 -15.77
N GLU D 154 18.42 14.78 -16.39
CA GLU D 154 19.27 14.95 -17.58
C GLU D 154 20.73 14.64 -17.29
N LEU D 155 21.18 14.95 -16.08
CA LEU D 155 22.54 14.62 -15.63
C LEU D 155 22.72 13.13 -15.39
N ILE D 156 21.64 12.46 -14.98
CA ILE D 156 21.70 11.02 -14.75
C ILE D 156 21.69 10.29 -16.09
N LYS D 157 20.82 10.73 -17.01
CA LYS D 157 20.80 10.28 -18.41
C LYS D 157 22.19 10.23 -19.02
N ILE D 158 22.92 11.34 -18.87
CA ILE D 158 24.25 11.51 -19.43
C ILE D 158 25.29 10.60 -18.75
N LEU D 159 25.36 10.63 -17.43
CA LEU D 159 26.38 9.85 -16.72
C LEU D 159 26.18 8.35 -16.94
N SER D 160 24.93 7.89 -16.93
CA SER D 160 24.62 6.47 -17.08
C SER D 160 24.89 5.96 -18.51
N ALA D 161 24.48 6.73 -19.52
CA ALA D 161 24.73 6.39 -20.91
C ALA D 161 26.23 6.34 -21.21
N ASN D 162 26.97 7.35 -20.77
CA ASN D 162 28.40 7.44 -21.06
C ASN D 162 29.25 6.48 -20.23
N GLY D 163 28.83 6.20 -19.01
CA GLY D 163 29.60 5.34 -18.11
C GLY D 163 29.21 3.87 -18.17
N GLY D 164 28.14 3.58 -18.91
CA GLY D 164 27.60 2.23 -18.96
C GLY D 164 28.05 1.44 -20.17
N ILE D 165 27.19 0.50 -20.55
CA ILE D 165 27.45 -0.44 -21.65
C ILE D 165 27.74 0.25 -22.99
N LYS D 166 27.06 1.37 -23.29
CA LYS D 166 27.23 2.05 -24.58
C LYS D 166 28.46 2.95 -24.65
N GLY D 167 29.15 3.10 -23.52
CA GLY D 167 30.34 3.94 -23.44
C GLY D 167 31.49 3.24 -22.78
N MET D 168 31.74 3.62 -21.54
CA MET D 168 32.92 3.20 -20.77
C MET D 168 33.15 1.68 -20.68
N ILE D 169 32.07 0.94 -20.55
CA ILE D 169 32.17 -0.51 -20.32
C ILE D 169 32.50 -1.26 -21.62
N LEU D 170 31.92 -0.79 -22.73
CA LEU D 170 32.27 -1.29 -24.06
C LEU D 170 33.78 -1.23 -24.27
N GLY D 171 34.35 -0.05 -24.04
CA GLY D 171 35.79 0.18 -24.09
C GLY D 171 36.60 -0.71 -23.16
N GLN D 172 36.12 -0.90 -21.94
CA GLN D 172 36.80 -1.80 -21.00
C GLN D 172 36.71 -3.27 -21.41
N ALA D 173 35.59 -3.63 -22.03
CA ALA D 173 35.37 -5.00 -22.49
C ALA D 173 36.28 -5.30 -23.66
N LEU D 174 36.27 -4.42 -24.66
CA LEU D 174 37.13 -4.49 -25.84
C LEU D 174 38.62 -4.55 -25.48
N ASP D 175 39.02 -3.75 -24.49
CA ASP D 175 40.40 -3.72 -24.03
C ASP D 175 40.80 -5.05 -23.40
N CYS D 176 39.91 -5.63 -22.60
CA CYS D 176 40.23 -6.89 -21.94
C CYS D 176 40.07 -8.09 -22.86
N TYR D 177 39.12 -8.00 -23.78
CA TYR D 177 38.84 -9.09 -24.71
C TYR D 177 39.99 -9.26 -25.70
N PHE D 178 40.42 -8.15 -26.29
CA PHE D 178 41.43 -8.18 -27.34
C PHE D 178 42.83 -7.88 -26.85
N GLU D 179 43.14 -8.26 -25.61
CA GLU D 179 44.41 -7.91 -25.00
C GLU D 179 45.63 -8.61 -25.61
N ASN D 180 45.40 -9.78 -26.21
CA ASN D 180 46.46 -10.52 -26.90
C ASN D 180 46.23 -10.53 -28.41
N THR D 181 45.47 -9.56 -28.88
CA THR D 181 45.17 -9.43 -30.30
C THR D 181 45.56 -8.02 -30.76
N PRO D 182 46.47 -7.93 -31.75
CA PRO D 182 46.80 -6.62 -32.32
C PRO D 182 45.60 -6.05 -33.09
N LEU D 183 45.27 -4.80 -32.80
CA LEU D 183 44.19 -4.12 -33.48
C LEU D 183 44.76 -2.99 -34.33
N ASN D 184 44.01 -2.58 -35.35
CA ASN D 184 44.41 -1.43 -36.13
C ASN D 184 44.10 -0.12 -35.41
N LEU D 185 44.36 1.01 -36.06
CA LEU D 185 44.22 2.32 -35.43
C LEU D 185 42.75 2.71 -35.23
N GLU D 186 41.94 2.47 -36.26
CA GLU D 186 40.51 2.77 -36.22
C GLU D 186 39.78 2.02 -35.09
N GLN D 187 40.25 0.80 -34.82
CA GLN D 187 39.73 -0.02 -33.73
C GLN D 187 40.28 0.39 -32.36
N LEU D 188 41.53 0.85 -32.34
CA LEU D 188 42.17 1.30 -31.10
C LEU D 188 41.65 2.66 -30.68
N THR D 189 41.33 3.49 -31.67
CA THR D 189 40.67 4.77 -31.48
C THR D 189 39.29 4.55 -30.85
N PHE D 190 38.47 3.72 -31.50
CA PHE D 190 37.14 3.31 -31.01
C PHE D 190 37.18 2.82 -29.57
N LEU D 191 38.09 1.88 -29.30
CA LEU D 191 38.30 1.32 -27.97
C LEU D 191 38.51 2.44 -26.97
N HIS D 192 39.54 3.23 -27.20
CA HIS D 192 39.95 4.28 -26.26
C HIS D 192 38.97 5.45 -26.15
N GLU D 193 38.28 5.77 -27.26
CA GLU D 193 37.18 6.74 -27.25
C GLU D 193 36.06 6.34 -26.29
N HIS D 194 35.76 5.04 -26.27
CA HIS D 194 34.72 4.54 -25.39
C HIS D 194 35.26 4.38 -23.97
N LYS D 195 36.46 3.80 -23.85
CA LYS D 195 37.07 3.52 -22.54
C LYS D 195 37.39 4.78 -21.72
N THR D 196 37.77 5.88 -22.38
CA THR D 196 38.25 7.06 -21.65
C THR D 196 37.52 8.34 -22.04
N ALA D 197 37.40 8.60 -23.34
CA ALA D 197 36.86 9.85 -23.87
C ALA D 197 35.36 10.03 -23.65
N LYS D 198 34.66 8.96 -23.32
CA LYS D 198 33.21 9.04 -23.15
C LYS D 198 32.89 9.72 -21.83
N LEU D 199 33.58 9.31 -20.78
CA LEU D 199 33.41 9.89 -19.45
C LEU D 199 33.97 11.32 -19.38
N ILE D 200 35.05 11.57 -20.13
CA ILE D 200 35.60 12.91 -20.31
C ILE D 200 34.61 13.83 -21.02
N SER D 201 34.03 13.37 -22.13
CA SER D 201 33.00 14.10 -22.86
C SER D 201 31.76 14.37 -21.99
N ALA D 202 31.44 13.41 -21.12
CA ALA D 202 30.31 13.52 -20.19
C ALA D 202 30.52 14.64 -19.19
N SER D 203 31.72 14.73 -18.60
CA SER D 203 32.06 15.75 -17.61
C SER D 203 31.83 17.18 -18.10
N LEU D 204 32.19 17.44 -19.36
CA LEU D 204 32.04 18.77 -19.96
C LEU D 204 30.58 19.13 -20.21
N ILE D 205 29.80 18.20 -20.75
CA ILE D 205 28.38 18.47 -20.97
C ILE D 205 27.54 18.42 -19.70
N MET D 206 28.04 17.71 -18.68
CA MET D 206 27.38 17.71 -17.37
C MET D 206 27.54 19.09 -16.70
N GLY D 207 28.66 19.77 -16.99
CA GLY D 207 28.86 21.17 -16.61
C GLY D 207 27.80 22.10 -17.18
N LEU D 208 27.56 21.99 -18.48
CA LEU D 208 26.59 22.85 -19.19
C LEU D 208 25.14 22.58 -18.78
N VAL D 209 24.80 21.31 -18.54
CA VAL D 209 23.45 20.96 -18.08
C VAL D 209 23.22 21.46 -16.64
N ALA D 210 24.22 21.28 -15.78
CA ALA D 210 24.15 21.74 -14.39
C ALA D 210 24.11 23.28 -14.21
N SER D 211 24.62 24.02 -15.20
CA SER D 211 24.61 25.49 -15.16
C SER D 211 23.21 26.05 -15.38
N GLY D 212 22.39 25.33 -16.15
CA GLY D 212 21.02 25.74 -16.43
C GLY D 212 20.83 26.39 -17.79
N ILE D 213 21.93 26.87 -18.38
CA ILE D 213 21.89 27.53 -19.68
C ILE D 213 21.57 26.52 -20.79
N LYS D 214 20.51 26.79 -21.55
CA LYS D 214 20.12 25.91 -22.67
C LYS D 214 20.74 26.38 -23.99
N ASP D 215 21.94 25.88 -24.26
CA ASP D 215 22.70 26.21 -25.47
C ASP D 215 23.03 24.91 -26.22
N GLU D 216 22.24 24.63 -27.26
CA GLU D 216 22.31 23.36 -27.97
C GLU D 216 23.56 23.21 -28.84
N GLU D 217 24.04 24.31 -29.39
CA GLU D 217 25.21 24.28 -30.26
C GLU D 217 26.52 24.15 -29.49
N LEU D 218 26.53 24.66 -28.26
CA LEU D 218 27.67 24.48 -27.35
C LEU D 218 27.71 23.05 -26.80
N PHE D 219 26.53 22.45 -26.66
CA PHE D 219 26.37 21.07 -26.19
C PHE D 219 27.03 20.09 -27.16
N LYS D 220 26.70 20.24 -28.45
CA LYS D 220 27.33 19.49 -29.54
C LYS D 220 28.84 19.71 -29.55
N TRP D 221 29.24 20.96 -29.35
CA TRP D 221 30.65 21.34 -29.36
C TRP D 221 31.44 20.66 -28.25
N LEU D 222 30.94 20.77 -27.02
CA LEU D 222 31.61 20.22 -25.83
C LEU D 222 31.68 18.70 -25.86
N GLN D 223 30.69 18.09 -26.50
CA GLN D 223 30.64 16.64 -26.67
C GLN D 223 31.77 16.19 -27.57
N ALA D 224 31.80 16.73 -28.79
CA ALA D 224 32.83 16.42 -29.77
C ALA D 224 34.26 16.75 -29.29
N PHE D 225 34.39 17.85 -28.54
CA PHE D 225 35.69 18.25 -27.96
C PHE D 225 36.21 17.23 -26.97
N GLY D 226 35.31 16.72 -26.12
CA GLY D 226 35.66 15.71 -25.12
C GLY D 226 36.12 14.40 -25.74
N LEU D 227 35.53 14.06 -26.89
CA LEU D 227 35.93 12.87 -27.64
C LEU D 227 37.31 13.02 -28.28
N LYS D 228 37.56 14.18 -28.89
CA LYS D 228 38.85 14.50 -29.47
C LYS D 228 39.94 14.60 -28.41
N MET D 229 39.61 15.25 -27.29
CA MET D 229 40.57 15.50 -26.21
C MET D 229 40.82 14.27 -25.35
N GLY D 230 39.76 13.51 -25.06
CA GLY D 230 39.86 12.29 -24.27
C GLY D 230 40.72 11.24 -24.95
N LEU D 231 40.57 11.12 -26.27
CA LEU D 231 41.43 10.26 -27.09
C LEU D 231 42.88 10.70 -26.96
N CYS D 232 43.13 12.01 -27.15
CA CYS D 232 44.47 12.60 -27.03
C CYS D 232 45.09 12.36 -25.64
N PHE D 233 44.26 12.49 -24.60
CA PHE D 233 44.65 12.19 -23.23
C PHE D 233 45.19 10.76 -23.10
N GLN D 234 44.54 9.83 -23.81
CA GLN D 234 44.91 8.42 -23.77
C GLN D 234 46.17 8.08 -24.57
N VAL D 235 46.38 8.76 -25.70
CA VAL D 235 47.60 8.57 -26.50
C VAL D 235 48.83 8.98 -25.69
N LEU D 236 48.70 10.08 -24.97
CA LEU D 236 49.75 10.56 -24.05
C LEU D 236 49.92 9.64 -22.85
N ASP D 237 48.80 9.08 -22.37
CA ASP D 237 48.79 8.09 -21.28
C ASP D 237 49.56 6.81 -21.66
N ASP D 238 49.62 6.50 -22.95
CA ASP D 238 50.40 5.38 -23.44
C ASP D 238 51.90 5.68 -23.46
N ILE D 239 52.24 6.97 -23.54
CA ILE D 239 53.63 7.42 -23.40
C ILE D 239 53.95 7.62 -21.91
N ILE D 240 52.90 7.78 -21.09
CA ILE D 240 53.00 7.77 -19.63
C ILE D 240 53.31 6.33 -19.16
N ASP D 241 52.82 5.34 -19.92
CA ASP D 241 53.11 3.95 -19.64
C ASP D 241 54.55 3.56 -20.02
N VAL D 242 55.15 4.31 -20.94
CA VAL D 242 56.52 4.05 -21.41
C VAL D 242 57.56 4.80 -20.57
N THR D 243 57.34 6.11 -20.39
CA THR D 243 58.34 6.98 -19.74
C THR D 243 58.30 6.92 -18.20
N GLN D 244 57.12 7.08 -17.61
CA GLN D 244 56.96 7.17 -16.15
C GLN D 244 57.09 5.82 -15.41
N ASP D 245 57.06 5.89 -14.07
CA ASP D 245 57.13 4.70 -13.22
C ASP D 245 56.01 4.66 -12.16
N GLU D 246 56.15 3.75 -11.19
CA GLU D 246 55.14 3.52 -10.16
C GLU D 246 55.03 4.62 -9.08
N GLU D 247 56.00 5.52 -9.04
CA GLU D 247 55.98 6.62 -8.07
C GLU D 247 55.90 8.00 -8.73
N GLU D 248 55.28 8.04 -9.90
CA GLU D 248 55.03 9.28 -10.63
C GLU D 248 53.58 9.30 -11.14
N SER D 249 53.08 8.13 -11.53
CA SER D 249 51.67 7.95 -11.90
C SER D 249 50.89 7.33 -10.75
N GLY D 250 51.56 6.49 -9.97
CA GLY D 250 50.96 5.85 -8.80
C GLY D 250 50.46 4.44 -9.06
N LYS D 251 50.07 4.19 -10.30
CA LYS D 251 49.51 2.90 -10.72
C LYS D 251 50.60 1.91 -11.15
N THR D 252 50.29 0.61 -11.05
CA THR D 252 51.18 -0.46 -11.50
C THR D 252 51.29 -0.46 -13.03
N THR D 253 52.53 -0.42 -13.52
CA THR D 253 52.81 -0.27 -14.96
C THR D 253 52.77 -1.61 -15.70
N HIS D 254 52.13 -1.62 -16.87
CA HIS D 254 52.27 -2.71 -17.84
C HIS D 254 53.68 -2.59 -18.43
N LEU D 255 54.66 -3.24 -17.79
CA LEU D 255 56.08 -3.03 -18.07
C LEU D 255 56.48 -3.51 -19.49
N ASP D 256 56.48 -4.82 -19.68
CA ASP D 256 56.71 -5.42 -20.99
C ASP D 256 55.41 -6.03 -21.50
N SER D 257 54.42 -6.12 -20.61
CA SER D 257 53.11 -6.70 -20.92
C SER D 257 52.11 -5.61 -21.29
N ALA D 258 52.49 -4.75 -22.24
CA ALA D 258 51.65 -3.63 -22.68
C ALA D 258 50.55 -4.09 -23.63
N LYS D 259 49.30 -3.90 -23.21
CA LYS D 259 48.13 -4.36 -23.97
C LYS D 259 47.52 -3.27 -24.84
N ASN D 260 47.70 -3.41 -26.16
CA ASN D 260 47.10 -2.52 -27.18
C ASN D 260 47.29 -1.02 -26.97
N SER D 261 48.53 -0.59 -26.78
CA SER D 261 48.87 0.83 -26.71
C SER D 261 49.16 1.35 -28.13
N PHE D 262 49.13 2.67 -28.29
CA PHE D 262 49.46 3.29 -29.57
C PHE D 262 50.96 3.19 -29.88
N VAL D 263 51.76 2.96 -28.85
CA VAL D 263 53.20 2.80 -28.97
C VAL D 263 53.55 1.51 -29.72
N ASN D 264 52.88 0.42 -29.37
CA ASN D 264 53.13 -0.87 -29.99
C ASN D 264 52.68 -0.95 -31.44
N LEU D 265 51.62 -0.20 -31.77
CA LEU D 265 51.12 -0.14 -33.13
C LEU D 265 51.98 0.74 -34.05
N LEU D 266 52.26 1.95 -33.60
CA LEU D 266 52.91 2.96 -34.44
C LEU D 266 54.43 2.97 -34.34
N GLY D 267 54.96 2.63 -33.17
CA GLY D 267 56.37 2.87 -32.86
C GLY D 267 56.43 4.17 -32.08
N LEU D 268 57.45 4.32 -31.23
CA LEU D 268 57.52 5.43 -30.27
C LEU D 268 57.49 6.83 -30.88
N GLU D 269 58.36 7.07 -31.86
CA GLU D 269 58.50 8.40 -32.46
C GLU D 269 57.33 8.74 -33.37
N ARG D 270 56.81 7.73 -34.05
CA ARG D 270 55.64 7.89 -34.91
C ARG D 270 54.35 8.06 -34.10
N ALA D 271 54.36 7.59 -32.84
CA ALA D 271 53.26 7.80 -31.90
C ALA D 271 53.21 9.24 -31.40
N ASN D 272 54.39 9.86 -31.31
CA ASN D 272 54.52 11.27 -30.95
C ASN D 272 54.04 12.19 -32.07
N ASN D 273 54.25 11.76 -33.31
CA ASN D 273 53.67 12.42 -34.49
C ASN D 273 52.15 12.48 -34.41
N TYR D 274 51.53 11.35 -34.05
CA TYR D 274 50.09 11.24 -33.88
C TYR D 274 49.61 11.99 -32.63
N ALA D 275 50.42 11.95 -31.56
CA ALA D 275 50.12 12.68 -30.32
C ALA D 275 50.05 14.18 -30.54
N GLN D 276 51.01 14.72 -31.30
CA GLN D 276 51.09 16.16 -31.56
C GLN D 276 50.03 16.66 -32.54
N THR D 277 49.66 15.80 -33.51
CA THR D 277 48.58 16.09 -34.46
C THR D 277 47.25 16.32 -33.74
N LEU D 278 47.01 15.52 -32.70
CA LEU D 278 45.81 15.64 -31.87
C LEU D 278 45.88 16.85 -30.94
N LYS D 279 47.08 17.16 -30.42
CA LYS D 279 47.31 18.36 -29.60
C LYS D 279 47.02 19.66 -30.36
N THR D 280 47.40 19.68 -31.64
CA THR D 280 47.11 20.80 -32.55
C THR D 280 45.60 20.90 -32.76
N GLU D 281 44.98 19.77 -33.10
CA GLU D 281 43.55 19.68 -33.42
C GLU D 281 42.67 20.08 -32.23
N VAL D 282 43.14 19.80 -31.02
CA VAL D 282 42.48 20.20 -29.78
C VAL D 282 42.52 21.73 -29.62
N LEU D 283 43.71 22.31 -29.75
CA LEU D 283 43.91 23.74 -29.53
C LEU D 283 43.28 24.60 -30.63
N ASN D 284 43.31 24.09 -31.87
CA ASN D 284 42.62 24.71 -33.01
C ASN D 284 41.11 24.80 -32.78
N ASP D 285 40.54 23.72 -32.25
CA ASP D 285 39.13 23.67 -31.85
C ASP D 285 38.87 24.62 -30.69
N LEU D 286 39.76 24.61 -29.70
CA LEU D 286 39.65 25.43 -28.49
C LEU D 286 39.60 26.93 -28.80
N ASP D 287 40.27 27.34 -29.86
CA ASP D 287 40.30 28.75 -30.28
C ASP D 287 38.98 29.26 -30.87
N ALA D 288 38.10 28.34 -31.30
CA ALA D 288 36.78 28.72 -31.82
C ALA D 288 35.82 29.16 -30.72
N LEU D 289 36.20 28.94 -29.46
CA LEU D 289 35.41 29.35 -28.30
C LEU D 289 35.51 30.83 -27.99
N LYS D 290 36.72 31.40 -28.17
CA LYS D 290 37.03 32.79 -27.79
C LYS D 290 36.01 33.91 -28.06
N PRO D 291 35.42 33.98 -29.30
CA PRO D 291 34.43 35.05 -29.55
C PRO D 291 33.18 35.03 -28.66
N ALA D 292 32.61 33.86 -28.42
CA ALA D 292 31.35 33.75 -27.66
C ALA D 292 31.51 33.24 -26.23
N TYR D 293 32.54 32.42 -25.99
CA TYR D 293 32.74 31.81 -24.66
C TYR D 293 34.16 32.00 -24.14
N PRO D 294 34.54 33.25 -23.80
CA PRO D 294 35.94 33.52 -23.44
C PRO D 294 36.31 33.08 -22.02
N LEU D 295 35.35 33.10 -21.10
CA LEU D 295 35.58 32.67 -19.72
C LEU D 295 35.65 31.15 -19.65
N LEU D 296 34.92 30.49 -20.55
CA LEU D 296 34.95 29.05 -20.73
C LEU D 296 36.29 28.63 -21.32
N GLN D 297 36.73 29.36 -22.35
CA GLN D 297 38.01 29.12 -23.03
C GLN D 297 39.21 29.31 -22.10
N GLU D 298 39.07 30.24 -21.17
CA GLU D 298 40.11 30.56 -20.18
C GLU D 298 40.33 29.39 -19.22
N ASN D 299 39.22 28.85 -18.70
CA ASN D 299 39.23 27.77 -17.71
C ASN D 299 39.75 26.44 -18.26
N LEU D 300 39.35 26.12 -19.49
CA LEU D 300 39.78 24.89 -20.14
C LEU D 300 41.26 24.93 -20.48
N ASN D 301 41.73 26.10 -20.93
CA ASN D 301 43.13 26.32 -21.29
C ASN D 301 44.09 26.17 -20.11
N ALA D 302 43.66 26.65 -18.93
CA ALA D 302 44.46 26.54 -17.71
C ALA D 302 44.65 25.09 -17.28
N LEU D 303 43.56 24.32 -17.36
CA LEU D 303 43.56 22.92 -16.93
C LEU D 303 44.38 22.01 -17.87
N LEU D 304 44.24 22.23 -19.17
CA LEU D 304 44.97 21.46 -20.17
C LEU D 304 46.48 21.69 -20.15
N ASN D 305 46.89 22.93 -19.85
CA ASN D 305 48.30 23.29 -19.73
C ASN D 305 48.99 22.63 -18.54
N THR D 306 48.21 22.35 -17.49
CA THR D 306 48.70 21.61 -16.34
C THR D 306 48.86 20.13 -16.71
N LEU D 307 47.95 19.65 -17.56
CA LEU D 307 47.94 18.27 -18.02
C LEU D 307 49.09 17.96 -18.97
N PHE D 308 49.35 18.88 -19.90
CA PHE D 308 50.42 18.72 -20.89
C PHE D 308 51.83 18.80 -20.29
N LYS D 309 52.06 19.80 -19.44
CA LYS D 309 53.35 19.99 -18.77
C LYS D 309 53.34 19.39 -17.37
MG MG E . -50.82 -18.59 -8.86
C1 DMA F . -45.14 -14.25 -6.66
O1 DMA F . -44.01 -13.41 -6.42
C2 DMA F . -44.70 -14.85 -7.98
C3 DMA F . -43.99 -15.98 -8.06
C4 DMA F . -43.61 -16.78 -6.84
C5 DMA F . -43.57 -16.47 -9.42
PA DMA F . -43.63 -12.73 -5.02
O1A DMA F . -42.41 -11.86 -5.27
O2A DMA F . -43.57 -13.82 -3.97
O3A DMA F . -44.91 -11.80 -4.75
PB DMA F . -44.85 -10.21 -4.55
O1B DMA F . -46.28 -9.88 -4.23
O2B DMA F . -43.85 -9.97 -3.42
O3B DMA F . -44.36 -9.68 -5.87
C1 DMA G . -46.99 -17.75 -10.77
O1 DMA G . -46.72 -19.01 -10.16
C2 DMA G . -45.98 -17.37 -11.82
C3 DMA G . -45.94 -16.12 -12.30
C4 DMA G . -46.90 -15.08 -11.83
C5 DMA G . -44.93 -15.77 -13.35
PA DMA G . -47.70 -19.43 -8.97
O1A DMA G . -49.10 -19.43 -9.56
O2A DMA G . -47.17 -20.66 -8.28
O3A DMA G . -47.51 -18.15 -8.00
PB DMA G . -48.52 -17.71 -6.83
O1B DMA G . -47.87 -16.44 -6.31
O2B DMA G . -49.85 -17.52 -7.52
O3B DMA G . -48.47 -18.85 -5.84
S SO4 H . -26.34 7.98 -26.03
O1 SO4 H . -27.24 8.20 -24.89
O2 SO4 H . -25.25 8.96 -25.95
O3 SO4 H . -25.78 6.64 -25.94
O4 SO4 H . -27.07 8.14 -27.29
S SO4 I . -34.22 10.31 2.39
O1 SO4 I . -33.20 11.32 2.16
O2 SO4 I . -34.99 10.64 3.59
O3 SO4 I . -33.59 9.01 2.57
O4 SO4 I . -35.12 10.27 1.23
S SO4 J . -43.82 8.18 0.84
O1 SO4 J . -45.16 8.71 1.05
O2 SO4 J . -42.88 8.80 1.77
O3 SO4 J . -43.84 6.73 1.07
O4 SO4 J . -43.39 8.44 -0.52
MG MG K . -8.22 6.69 44.70
C1 DMA L . -7.41 6.69 37.10
O1 DMA L . -7.34 6.75 35.67
C2 DMA L . -8.90 6.78 37.35
C3 DMA L . -9.66 5.70 37.54
C4 DMA L . -9.08 4.32 37.57
C5 DMA L . -11.14 5.89 37.74
PA DMA L . -6.01 6.43 34.84
O1A DMA L . -6.25 6.71 33.37
O2A DMA L . -5.59 5.05 35.29
O3A DMA L . -4.96 7.51 35.40
PB DMA L . -4.00 8.39 34.46
O1B DMA L . -4.95 9.35 33.80
O2B DMA L . -3.04 9.04 35.43
O3B DMA L . -3.33 7.40 33.53
C1 DMA M . -11.05 6.98 41.34
O1 DMA M . -11.15 5.63 41.80
C2 DMA M . -12.33 7.46 40.70
C3 DMA M . -12.36 8.65 40.05
C4 DMA M . -11.13 9.49 39.96
C5 DMA M . -13.63 9.12 39.41
PA DMA M . -9.92 5.05 42.65
O1A DMA M . -9.78 5.97 43.85
O2A DMA M . -10.12 3.58 42.87
O3A DMA M . -8.72 5.29 41.61
PB DMA M . -7.18 5.47 42.00
O1B DMA M . -7.17 6.52 43.09
O2B DMA M . -6.49 5.93 40.74
O3B DMA M . -6.81 4.06 42.44
S SO4 N . -3.49 -10.74 27.99
O1 SO4 N . -4.86 -10.30 27.75
O2 SO4 N . -3.06 -10.29 29.31
O3 SO4 N . -3.44 -12.21 27.92
O4 SO4 N . -2.60 -10.17 26.97
MG MG O . 24.37 -17.31 -4.28
MG MG P . 20.96 -19.21 -1.09
C1 DMA Q . 17.49 -14.66 -5.94
O1 DMA Q . 16.23 -14.08 -6.24
C2 DMA Q . 18.09 -13.60 -5.03
C3 DMA Q . 17.93 -13.65 -3.70
C4 DMA Q . 17.21 -14.78 -3.04
C5 DMA Q . 18.50 -12.54 -2.87
PA DMA Q . 15.02 -14.83 -6.97
O1A DMA Q . 13.93 -13.82 -7.21
O2A DMA Q . 14.73 -16.09 -6.19
O3A DMA Q . 15.73 -15.21 -8.38
PB DMA Q . 15.01 -15.04 -9.82
O1B DMA Q . 15.10 -13.57 -10.12
O2B DMA Q . 15.86 -15.91 -10.72
O3B DMA Q . 13.59 -15.54 -9.64
C1 DMA R . 22.07 -13.59 -2.99
O1 DMA R . 22.00 -14.38 -1.81
C2 DMA R . 21.93 -12.12 -2.71
C3 DMA R . 21.90 -11.25 -3.73
C4 DMA R . 22.01 -11.71 -5.16
C5 DMA R . 21.76 -9.78 -3.44
PA DMA R . 22.26 -15.95 -2.00
O1A DMA R . 21.72 -16.75 -0.84
O2A DMA R . 23.70 -16.10 -2.43
O3A DMA R . 21.24 -16.16 -3.24
PB DMA R . 21.20 -17.45 -4.19
O1B DMA R . 20.20 -17.02 -5.22
O2B DMA R . 22.63 -17.57 -4.68
O3B DMA R . 20.73 -18.60 -3.33
S SO4 S . -6.92 0.84 -3.39
O1 SO4 S . -8.35 0.56 -3.54
O2 SO4 S . -6.72 1.79 -2.29
O3 SO4 S . -6.44 1.44 -4.62
O4 SO4 S . -6.22 -0.39 -3.11
S SO4 T . -2.14 -8.78 -25.07
O1 SO4 T . -3.44 -8.41 -25.62
O2 SO4 T . -2.25 -8.91 -23.62
O3 SO4 T . -1.70 -10.04 -25.64
O4 SO4 T . -1.17 -7.74 -25.41
S SO4 U . 6.81 -12.30 -26.83
O1 SO4 U . 5.47 -11.93 -27.29
O2 SO4 U . 6.82 -12.41 -25.37
O3 SO4 U . 7.77 -11.29 -27.25
O4 SO4 U . 7.19 -13.59 -27.41
MG MG V . 44.98 -0.80 -15.63
C1 DMA W . 42.95 6.86 -15.34
O1 DMA W . 42.53 8.22 -15.35
C2 DMA W . 42.24 6.14 -16.46
C3 DMA W . 42.69 6.14 -17.73
C4 DMA W . 43.95 6.85 -18.14
C5 DMA W . 41.91 5.40 -18.78
PA DMA W . 43.32 9.39 -14.55
O1A DMA W . 42.88 10.70 -15.14
O2A DMA W . 44.79 9.01 -14.51
O3A DMA W . 42.68 9.27 -13.06
PB DMA W . 43.52 9.47 -11.69
O1B DMA W . 42.44 9.60 -10.65
O2B DMA W . 44.28 10.76 -11.91
O3B DMA W . 44.37 8.23 -11.54
C1 DMA X . 41.49 1.87 -17.44
O1 DMA X . 42.41 1.65 -18.51
C2 DMA X . 40.18 2.37 -17.98
C3 DMA X . 39.07 2.36 -17.23
C4 DMA X . 39.12 1.84 -15.82
C5 DMA X . 37.77 2.85 -17.80
PA DMA X . 43.92 1.27 -18.15
O1A DMA X . 44.69 1.31 -19.44
O2A DMA X . 43.91 0.03 -17.32
O3A DMA X . 44.32 2.55 -17.25
PB DMA X . 45.48 2.62 -16.14
O1B DMA X . 44.96 3.74 -15.26
O2B DMA X . 45.55 1.29 -15.41
O3B DMA X . 46.73 2.93 -16.93
#